data_4EN3
#
_entry.id   4EN3
#
_cell.length_a   57.112
_cell.length_b   72.573
_cell.length_c   113.747
_cell.angle_alpha   90.00
_cell.angle_beta   103.31
_cell.angle_gamma   90.00
#
_symmetry.space_group_name_H-M   'P 1 21 1'
#
loop_
_entity.id
_entity.type
_entity.pdbx_description
1 polymer 'Antigen-presenting glycoprotein CD1d'
2 polymer 'HUMAN NKT TCR ALPHA CHAIN'
3 polymer 'HUMAN NKT TCR BETA CHAIN'
4 polymer Beta-2-microglobulin
5 non-polymer 2-acetamido-2-deoxy-beta-D-glucopyranose
6 non-polymer N-{(1S,2R,3S)-1-[(ALPHA-D-GALACTOPYRANOSYLOXY)METHYL]-2,3-DIHYDROXYHEPTADECYL}HEXACOSANAMIDE
7 non-polymer alpha-L-fucopyranose
8 non-polymer GLYCEROL
9 water water
#
loop_
_entity_poly.entity_id
_entity_poly.type
_entity_poly.pdbx_seq_one_letter_code
_entity_poly.pdbx_strand_id
1 'polypeptide(L)'
;ADPVPQRLFPLRCLQISSFANSSWTRTDGLAWLGELQTHSWSNDSDTVRSLKPWSQGTFSDQQWETLQHIFRVYRSSFTR
DVKEFAKMLRLSYPLELQVSAGCEVHPGNASNNFFHVAFQGKDILSFQGTSWEPTQEAPLWVNLAIQVLNQDKWTRETVQ
WLLNGTCPQFVSGLLESGKSELKKQVKPKAWLSRGPSPGPGRLLLVCHVSGFYPKPVWVKWMRGEQEQQGTQPGDILPNA
DETWYLRATLDVVAGEAAGLSCRVKHSSLEGQDIVLYWHHHHHH
;
C
2 'polypeptide(L)'
;ADLSQQGEEDPQALSIQEGENATMNCSYKTSINNLQWYRQNSGRGLVHLILIRSNEREKHSGRLRVTLDTSKKSSSLLIT
ASRAADTASYFCATYDRGSTLGRLYFGRGTQLTVWPDIQNPDPAVYQLRDSKSSDKSVCLFTDFDSQTNVSQSKDSDVYI
TDKCVLDMRSMDFKSNSAVAWSNKSDFACANAFNNSIIPEDTFFPSPESSSRGGLEVLFQ
;
A
3 'polypeptide(L)'
;ADPEADIYQTPRYLVIGTGKKITLECSQTMGHDKMYWYQQDPGMELHLIHYSYGVNSTEKGDLSSESTVSRIRTEHFPLT
LESARPSHTSQYLCASSENSGTGRIYEQYFGPGTRLTVTEDLKNVFPPEVAVFEPSEAEISHTQKATLVCLATGFYPDHV
ELSWWVNGKEVHSGVCTDPQPLKEQPALNDSRYALSSRLRVSATFWQNPRNHFRCQVQFYGLSENDEWTQDRAKPVTQIV
SAEAWGRADSRGGLEVLFQ
;
B
4 'polypeptide(L)'
;PIQRTPKIQVYSRHPAENGKSNFLNCYVSGFHPSDIEVDLLKNGERIEKVEHSDLSFSKDWSFYLLYYTEFTPTEKDEYA
CRVNHVTLSQPKIVKWDRDM
;
D
#
# COMPACT_ATOMS: atom_id res chain seq x y z
N PHE A 9 14.55 -35.97 10.94
CA PHE A 9 13.27 -35.46 10.46
C PHE A 9 13.23 -33.93 10.46
N PRO A 10 14.05 -33.31 9.59
CA PRO A 10 14.06 -31.84 9.50
C PRO A 10 12.75 -31.31 8.97
N LEU A 11 12.42 -30.07 9.31
CA LEU A 11 11.24 -29.42 8.78
C LEU A 11 11.61 -28.49 7.64
N ARG A 12 11.13 -28.81 6.44
CA ARG A 12 11.38 -27.97 5.28
C ARG A 12 10.12 -27.26 4.81
N CYS A 13 10.09 -25.94 5.00
CA CYS A 13 8.99 -25.12 4.52
C CYS A 13 9.38 -24.53 3.17
N LEU A 14 8.67 -24.90 2.12
CA LEU A 14 9.00 -24.46 0.78
C LEU A 14 8.01 -23.44 0.24
N GLN A 15 8.53 -22.48 -0.53
CA GLN A 15 7.70 -21.43 -1.12
C GLN A 15 8.01 -21.28 -2.59
N ILE A 16 6.96 -21.17 -3.41
CA ILE A 16 7.13 -20.99 -4.84
C ILE A 16 6.34 -19.78 -5.32
N SER A 17 7.04 -18.65 -5.50
CA SER A 17 6.39 -17.42 -5.94
C SER A 17 6.68 -17.14 -7.42
N SER A 18 5.64 -17.18 -8.23
CA SER A 18 5.77 -16.97 -9.67
C SER A 18 5.20 -15.61 -10.09
N PHE A 19 6.03 -14.81 -10.73
CA PHE A 19 5.62 -13.49 -11.22
C PHE A 19 5.68 -13.44 -12.73
N ALA A 20 4.57 -13.74 -13.39
CA ALA A 20 4.52 -13.70 -14.85
C ALA A 20 4.80 -12.29 -15.34
N ASN A 21 4.07 -11.33 -14.77
CA ASN A 21 4.35 -9.92 -14.99
C ASN A 21 3.99 -9.13 -13.74
N SER A 22 3.81 -7.83 -13.91
CA SER A 22 3.46 -6.94 -12.80
C SER A 22 2.03 -7.14 -12.33
N SER A 23 1.23 -7.87 -13.10
CA SER A 23 -0.19 -8.01 -12.79
C SER A 23 -0.59 -9.44 -12.41
N TRP A 24 0.25 -10.41 -12.72
CA TRP A 24 -0.05 -11.81 -12.43
C TRP A 24 1.01 -12.42 -11.52
N THR A 25 0.59 -12.93 -10.37
CA THR A 25 1.51 -13.51 -9.41
C THR A 25 0.85 -14.65 -8.62
N ARG A 26 1.63 -15.70 -8.38
CA ARG A 26 1.18 -16.82 -7.55
C ARG A 26 2.23 -17.18 -6.51
N THR A 27 1.78 -17.44 -5.29
CA THR A 27 2.66 -18.02 -4.28
C THR A 27 2.04 -19.28 -3.72
N ASP A 28 2.78 -20.38 -3.78
CA ASP A 28 2.33 -21.64 -3.20
C ASP A 28 3.41 -22.20 -2.30
N GLY A 29 3.00 -22.98 -1.31
CA GLY A 29 3.96 -23.58 -0.40
C GLY A 29 3.49 -24.91 0.14
N LEU A 30 4.41 -25.59 0.81
CA LEU A 30 4.10 -26.82 1.50
C LEU A 30 5.14 -27.03 2.57
N ALA A 31 4.88 -27.95 3.50
CA ALA A 31 5.82 -28.23 4.56
C ALA A 31 6.17 -29.71 4.56
N TRP A 32 7.46 -30.01 4.69
CA TRP A 32 7.91 -31.39 4.78
C TRP A 32 8.54 -31.66 6.15
N LEU A 33 8.03 -32.67 6.83
CA LEU A 33 8.70 -33.20 8.01
C LEU A 33 9.34 -34.53 7.59
N GLY A 34 10.66 -34.51 7.42
CA GLY A 34 11.35 -35.66 6.87
C GLY A 34 10.93 -35.88 5.43
N GLU A 35 10.26 -37.00 5.18
CA GLU A 35 9.80 -37.33 3.84
C GLU A 35 8.31 -37.05 3.69
N LEU A 36 7.66 -36.70 4.80
CA LEU A 36 6.21 -36.51 4.81
C LEU A 36 5.80 -35.05 4.66
N GLN A 37 4.81 -34.81 3.81
CA GLN A 37 4.24 -33.47 3.64
C GLN A 37 3.16 -33.23 4.69
N THR A 38 3.40 -32.25 5.55
CA THR A 38 2.49 -31.98 6.68
C THR A 38 1.50 -30.86 6.37
N HIS A 39 1.89 -29.96 5.48
CA HIS A 39 1.06 -28.79 5.17
C HIS A 39 1.05 -28.45 3.69
N SER A 40 -0.07 -27.92 3.21
CA SER A 40 -0.17 -27.42 1.85
C SER A 40 -0.65 -25.97 1.90
N TRP A 41 0.01 -25.09 1.15
CA TRP A 41 -0.34 -23.68 1.16
C TRP A 41 -0.74 -23.22 -0.22
N SER A 42 -2.04 -23.09 -0.45
CA SER A 42 -2.55 -22.72 -1.76
C SER A 42 -2.80 -21.22 -1.87
N ASN A 43 -2.34 -20.65 -2.96
CA ASN A 43 -2.55 -19.25 -3.25
C ASN A 43 -4.04 -18.91 -3.38
N ASP A 44 -4.85 -19.96 -3.57
CA ASP A 44 -6.30 -19.81 -3.66
C ASP A 44 -6.99 -19.92 -2.30
N SER A 45 -6.19 -19.94 -1.24
CA SER A 45 -6.71 -20.10 0.11
C SER A 45 -6.14 -19.04 1.05
N ASP A 46 -6.97 -18.59 1.99
CA ASP A 46 -6.52 -17.63 3.00
C ASP A 46 -5.51 -18.28 3.93
N THR A 47 -5.78 -19.53 4.30
CA THR A 47 -5.01 -20.20 5.34
C THR A 47 -4.17 -21.37 4.82
N VAL A 48 -3.16 -21.74 5.61
CA VAL A 48 -2.37 -22.93 5.34
C VAL A 48 -3.15 -24.16 5.73
N ARG A 49 -3.22 -25.14 4.85
CA ARG A 49 -4.00 -26.34 5.10
C ARG A 49 -3.16 -27.43 5.76
N SER A 50 -3.69 -28.04 6.81
CA SER A 50 -3.03 -29.15 7.49
C SER A 50 -3.42 -30.46 6.82
N LEU A 51 -2.43 -31.25 6.45
CA LEU A 51 -2.67 -32.51 5.75
C LEU A 51 -2.89 -33.68 6.70
N LYS A 52 -2.30 -33.59 7.88
CA LYS A 52 -2.36 -34.69 8.86
C LYS A 52 -3.12 -34.29 10.12
N PRO A 53 -3.70 -35.27 10.82
CA PRO A 53 -4.40 -35.04 12.09
C PRO A 53 -3.45 -34.46 13.14
N TRP A 54 -2.16 -34.68 12.96
CA TRP A 54 -1.15 -34.22 13.90
C TRP A 54 -0.34 -33.07 13.33
N SER A 55 -0.80 -32.52 12.22
CA SER A 55 -0.09 -31.44 11.53
C SER A 55 0.11 -30.20 12.40
N GLN A 56 -0.73 -30.04 13.42
CA GLN A 56 -0.65 -28.86 14.27
C GLN A 56 0.33 -29.06 15.42
N GLY A 57 0.92 -30.26 15.49
CA GLY A 57 1.90 -30.58 16.51
C GLY A 57 1.38 -30.43 17.93
N THR A 58 2.07 -29.63 18.72
CA THR A 58 1.66 -29.38 20.11
C THR A 58 1.13 -27.96 20.27
N PHE A 59 1.33 -27.14 19.26
CA PHE A 59 0.84 -25.76 19.29
C PHE A 59 -0.67 -25.69 19.51
N SER A 60 -1.09 -24.75 20.35
CA SER A 60 -2.51 -24.53 20.60
C SER A 60 -3.14 -23.84 19.39
N ASP A 61 -4.46 -23.73 19.41
CA ASP A 61 -5.17 -23.06 18.32
C ASP A 61 -4.80 -21.58 18.24
N GLN A 62 -4.78 -20.91 19.38
CA GLN A 62 -4.41 -19.50 19.42
C GLN A 62 -2.97 -19.33 18.93
N GLN A 63 -2.11 -20.28 19.27
CA GLN A 63 -0.74 -20.28 18.78
C GLN A 63 -0.71 -20.47 17.27
N TRP A 64 -1.41 -21.51 16.80
CA TRP A 64 -1.44 -21.86 15.39
C TRP A 64 -2.02 -20.75 14.53
N GLU A 65 -3.02 -20.06 15.06
CA GLU A 65 -3.63 -18.94 14.34
C GLU A 65 -2.68 -17.74 14.26
N THR A 66 -1.89 -17.55 15.30
CA THR A 66 -0.87 -16.51 15.30
C THR A 66 0.08 -16.72 14.12
N LEU A 67 0.57 -17.94 13.98
CA LEU A 67 1.42 -18.30 12.85
C LEU A 67 0.65 -18.11 11.55
N GLN A 68 -0.64 -18.47 11.58
CA GLN A 68 -1.50 -18.34 10.41
C GLN A 68 -1.54 -16.90 9.93
N HIS A 69 -1.72 -15.96 10.87
CA HIS A 69 -1.76 -14.54 10.55
C HIS A 69 -0.44 -14.05 9.95
N ILE A 70 0.66 -14.55 10.50
CA ILE A 70 1.99 -14.16 10.04
C ILE A 70 2.23 -14.54 8.58
N PHE A 71 1.67 -15.67 8.16
CA PHE A 71 1.83 -16.13 6.79
C PHE A 71 0.98 -15.31 5.82
N ARG A 72 -0.22 -14.93 6.25
CA ARG A 72 -1.08 -14.06 5.44
C ARG A 72 -0.35 -12.78 5.11
N VAL A 73 0.00 -12.02 6.14
CA VAL A 73 0.70 -10.75 5.97
C VAL A 73 1.99 -10.94 5.19
N TYR A 74 2.68 -12.04 5.43
CA TYR A 74 3.95 -12.32 4.77
C TYR A 74 3.79 -12.61 3.27
N ARG A 75 2.75 -13.35 2.91
CA ARG A 75 2.49 -13.64 1.51
C ARG A 75 2.16 -12.37 0.74
N SER A 76 1.26 -11.58 1.32
CA SER A 76 0.86 -10.31 0.72
C SER A 76 2.03 -9.33 0.63
N SER A 77 2.75 -9.18 1.74
CA SER A 77 3.86 -8.25 1.82
C SER A 77 5.02 -8.68 0.91
N PHE A 78 5.32 -9.98 0.93
CA PHE A 78 6.40 -10.52 0.11
C PHE A 78 6.23 -10.16 -1.36
N THR A 79 5.04 -10.44 -1.89
CA THR A 79 4.78 -10.25 -3.33
C THR A 79 4.81 -8.78 -3.75
N ARG A 80 4.39 -7.89 -2.86
CA ARG A 80 4.40 -6.46 -3.17
C ARG A 80 5.83 -5.92 -3.11
N ASP A 81 6.63 -6.43 -2.19
CA ASP A 81 8.02 -6.02 -2.06
C ASP A 81 8.83 -6.45 -3.28
N VAL A 82 8.54 -7.63 -3.81
CA VAL A 82 9.19 -8.13 -5.01
C VAL A 82 8.93 -7.17 -6.17
N LYS A 83 7.67 -6.79 -6.34
CA LYS A 83 7.26 -5.88 -7.39
C LYS A 83 7.96 -4.53 -7.29
N GLU A 84 8.22 -4.10 -6.05
CA GLU A 84 8.87 -2.82 -5.83
C GLU A 84 10.38 -2.89 -6.08
N PHE A 85 10.95 -4.07 -5.85
CA PHE A 85 12.35 -4.31 -6.18
C PHE A 85 12.49 -4.35 -7.69
N ALA A 86 11.50 -4.95 -8.36
CA ALA A 86 11.48 -5.04 -9.81
C ALA A 86 11.56 -3.64 -10.42
N LYS A 87 10.78 -2.73 -9.86
CA LYS A 87 10.78 -1.34 -10.32
C LYS A 87 12.11 -0.66 -9.99
N MET A 88 12.47 -0.71 -8.71
CA MET A 88 13.64 0.00 -8.20
C MET A 88 14.97 -0.47 -8.78
N LEU A 89 15.07 -1.75 -9.12
CA LEU A 89 16.38 -2.37 -9.35
C LEU A 89 17.08 -2.11 -10.70
N ARG A 90 16.42 -2.31 -11.82
CA ARG A 90 15.06 -2.84 -11.90
C ARG A 90 15.09 -4.11 -12.76
N LEU A 91 14.27 -5.08 -12.40
CA LEU A 91 14.36 -6.41 -12.97
C LEU A 91 13.29 -6.69 -14.02
N SER A 92 13.62 -7.56 -14.98
CA SER A 92 12.70 -7.94 -16.03
C SER A 92 11.83 -9.12 -15.60
N TYR A 93 10.54 -9.06 -15.93
CA TYR A 93 9.66 -10.20 -15.72
C TYR A 93 9.81 -11.14 -16.92
N PRO A 94 9.45 -12.42 -16.74
CA PRO A 94 8.90 -12.97 -15.49
C PRO A 94 9.97 -13.21 -14.43
N LEU A 95 9.56 -13.18 -13.16
CA LEU A 95 10.44 -13.50 -12.06
C LEU A 95 9.93 -14.76 -11.37
N GLU A 96 10.86 -15.59 -10.89
CA GLU A 96 10.46 -16.72 -10.07
C GLU A 96 11.38 -16.87 -8.86
N LEU A 97 10.79 -16.82 -7.67
CA LEU A 97 11.55 -16.91 -6.44
C LEU A 97 11.14 -18.13 -5.62
N GLN A 98 12.13 -18.77 -4.99
CA GLN A 98 11.89 -19.93 -4.16
C GLN A 98 12.51 -19.71 -2.79
N VAL A 99 11.74 -20.02 -1.75
CA VAL A 99 12.24 -19.92 -0.37
C VAL A 99 12.30 -21.29 0.28
N SER A 100 13.42 -21.58 0.93
CA SER A 100 13.57 -22.80 1.69
C SER A 100 13.95 -22.43 3.11
N ALA A 101 13.04 -22.68 4.05
CA ALA A 101 13.26 -22.30 5.44
C ALA A 101 12.80 -23.42 6.37
N GLY A 102 13.42 -23.49 7.55
CA GLY A 102 13.06 -24.49 8.53
C GLY A 102 14.20 -24.83 9.48
N CYS A 103 14.09 -26.01 10.09
CA CYS A 103 15.06 -26.43 11.10
C CYS A 103 14.94 -27.92 11.36
N GLU A 104 15.87 -28.46 12.13
CA GLU A 104 15.77 -29.82 12.64
C GLU A 104 16.41 -29.90 14.02
N VAL A 105 15.70 -30.52 14.95
CA VAL A 105 16.16 -30.58 16.34
C VAL A 105 17.15 -31.72 16.57
N HIS A 106 18.00 -31.57 17.58
CA HIS A 106 18.94 -32.60 17.97
C HIS A 106 18.93 -32.77 19.48
N PRO A 107 19.61 -33.81 19.98
CA PRO A 107 19.65 -34.10 21.42
C PRO A 107 20.21 -32.92 22.22
N ALA A 110 21.34 -29.13 20.31
CA ALA A 110 21.38 -27.89 19.55
C ALA A 110 20.74 -28.07 18.17
N SER A 111 19.61 -27.40 17.96
CA SER A 111 18.92 -27.47 16.69
C SER A 111 19.50 -26.45 15.71
N ASN A 112 19.43 -26.76 14.42
CA ASN A 112 19.93 -25.87 13.39
C ASN A 112 18.80 -25.37 12.49
N ASN A 113 18.94 -24.15 11.98
CA ASN A 113 17.92 -23.57 11.12
C ASN A 113 18.49 -22.92 9.87
N PHE A 114 17.62 -22.69 8.89
CA PHE A 114 18.03 -22.15 7.60
C PHE A 114 16.93 -21.30 6.99
N PHE A 115 17.32 -20.40 6.09
CA PHE A 115 16.37 -19.59 5.35
C PHE A 115 17.01 -19.09 4.05
N HIS A 116 16.85 -19.87 2.99
CA HIS A 116 17.46 -19.53 1.71
C HIS A 116 16.42 -19.11 0.67
N VAL A 117 16.81 -18.15 -0.16
CA VAL A 117 15.96 -17.71 -1.25
C VAL A 117 16.70 -17.83 -2.58
N ALA A 118 16.04 -18.41 -3.56
CA ALA A 118 16.63 -18.58 -4.88
C ALA A 118 15.91 -17.70 -5.90
N PHE A 119 16.68 -17.10 -6.80
CA PHE A 119 16.11 -16.34 -7.90
C PHE A 119 16.45 -17.03 -9.22
N GLN A 120 15.42 -17.37 -9.99
CA GLN A 120 15.60 -18.07 -11.26
C GLN A 120 16.29 -19.40 -11.06
N GLY A 121 16.07 -20.01 -9.90
CA GLY A 121 16.61 -21.34 -9.61
C GLY A 121 18.03 -21.33 -9.07
N LYS A 122 18.52 -20.15 -8.70
CA LYS A 122 19.87 -20.03 -8.17
C LYS A 122 19.86 -19.27 -6.84
N ASP A 123 20.62 -19.77 -5.87
CA ASP A 123 20.72 -19.11 -4.57
C ASP A 123 21.18 -17.67 -4.73
N ILE A 124 20.46 -16.75 -4.10
CA ILE A 124 20.85 -15.34 -4.11
C ILE A 124 21.15 -14.81 -2.71
N LEU A 125 20.42 -15.31 -1.71
CA LEU A 125 20.64 -14.86 -0.34
C LEU A 125 20.01 -15.80 0.70
N SER A 126 20.55 -15.73 1.92
CA SER A 126 20.04 -16.51 3.03
C SER A 126 20.08 -15.66 4.30
N PHE A 127 19.23 -16.01 5.28
CA PHE A 127 19.25 -15.31 6.56
C PHE A 127 20.36 -15.86 7.44
N GLN A 128 21.30 -15.00 7.81
CA GLN A 128 22.48 -15.44 8.54
C GLN A 128 22.70 -14.59 9.80
N GLY A 129 22.39 -15.15 10.96
CA GLY A 129 22.56 -14.46 12.22
C GLY A 129 21.36 -13.59 12.56
N THR A 130 21.47 -12.30 12.27
CA THR A 130 20.39 -11.37 12.55
C THR A 130 20.02 -10.54 11.33
N SER A 131 20.63 -10.83 10.18
CA SER A 131 20.40 -10.05 8.99
C SER A 131 20.46 -10.87 7.71
N TRP A 132 20.26 -10.20 6.58
CA TRP A 132 20.33 -10.84 5.27
C TRP A 132 21.73 -10.73 4.69
N GLU A 133 22.16 -11.81 4.02
CA GLU A 133 23.48 -11.84 3.40
C GLU A 133 23.37 -12.39 1.98
N PRO A 134 24.24 -11.92 1.08
CA PRO A 134 24.25 -12.44 -0.29
C PRO A 134 24.96 -13.79 -0.38
N THR A 135 24.41 -14.72 -1.15
CA THR A 135 25.08 -15.99 -1.40
C THR A 135 26.17 -15.76 -2.45
N GLN A 136 27.16 -16.64 -2.48
CA GLN A 136 28.33 -16.45 -3.33
C GLN A 136 27.99 -16.10 -4.78
N GLU A 137 27.00 -16.79 -5.34
CA GLU A 137 26.57 -16.53 -6.71
C GLU A 137 25.36 -15.59 -6.73
N ALA A 138 25.63 -14.29 -6.61
CA ALA A 138 24.54 -13.31 -6.57
C ALA A 138 24.86 -12.06 -7.38
N PRO A 139 23.93 -11.67 -8.26
CA PRO A 139 24.04 -10.45 -9.07
C PRO A 139 24.25 -9.23 -8.16
N LEU A 140 24.87 -8.19 -8.70
CA LEU A 140 25.16 -7.01 -7.89
C LEU A 140 23.88 -6.40 -7.32
N TRP A 141 22.78 -6.52 -8.06
CA TRP A 141 21.52 -5.95 -7.62
C TRP A 141 21.00 -6.60 -6.34
N VAL A 142 21.25 -7.89 -6.20
CA VAL A 142 20.91 -8.59 -4.97
C VAL A 142 21.66 -7.95 -3.81
N ASN A 143 22.91 -7.58 -4.06
CA ASN A 143 23.73 -6.89 -3.07
C ASN A 143 23.09 -5.58 -2.62
N LEU A 144 22.30 -4.98 -3.51
CA LEU A 144 21.63 -3.73 -3.21
C LEU A 144 20.29 -3.97 -2.51
N ALA A 145 19.56 -4.97 -2.98
CA ALA A 145 18.28 -5.32 -2.39
C ALA A 145 18.42 -5.68 -0.91
N ILE A 146 19.62 -6.08 -0.52
CA ILE A 146 19.90 -6.45 0.86
C ILE A 146 19.89 -5.22 1.78
N GLN A 147 20.53 -4.15 1.33
CA GLN A 147 20.57 -2.91 2.11
C GLN A 147 19.17 -2.45 2.48
N VAL A 148 18.21 -2.63 1.57
CA VAL A 148 16.83 -2.24 1.82
C VAL A 148 16.17 -3.18 2.81
N LEU A 149 16.37 -4.48 2.63
CA LEU A 149 15.80 -5.49 3.52
C LEU A 149 16.31 -5.35 4.95
N ASN A 150 17.60 -5.03 5.08
CA ASN A 150 18.21 -4.92 6.40
C ASN A 150 17.78 -3.68 7.17
N GLN A 151 16.99 -2.81 6.54
CA GLN A 151 16.41 -1.67 7.22
C GLN A 151 15.26 -2.16 8.11
N ASP A 152 14.50 -3.11 7.58
CA ASP A 152 13.34 -3.66 8.29
C ASP A 152 13.78 -4.46 9.51
N LYS A 153 14.02 -3.77 10.61
CA LYS A 153 14.51 -4.41 11.82
C LYS A 153 13.51 -5.41 12.41
N TRP A 154 12.23 -5.08 12.35
CA TRP A 154 11.17 -5.93 12.90
C TRP A 154 11.10 -7.28 12.17
N THR A 155 10.97 -7.21 10.85
CA THR A 155 10.97 -8.43 10.03
C THR A 155 12.21 -9.25 10.33
N ARG A 156 13.31 -8.55 10.62
CA ARG A 156 14.59 -9.19 10.88
C ARG A 156 14.57 -9.96 12.20
N GLU A 157 13.77 -9.49 13.15
CA GLU A 157 13.62 -10.15 14.44
C GLU A 157 12.63 -11.30 14.36
N THR A 158 11.57 -11.10 13.61
CA THR A 158 10.54 -12.14 13.42
C THR A 158 11.14 -13.38 12.78
N VAL A 159 11.93 -13.18 11.73
CA VAL A 159 12.61 -14.28 11.05
C VAL A 159 13.57 -14.97 12.02
N GLN A 160 14.28 -14.18 12.80
CA GLN A 160 15.23 -14.69 13.78
C GLN A 160 14.50 -15.52 14.84
N TRP A 161 13.34 -15.04 15.26
CA TRP A 161 12.54 -15.75 16.26
C TRP A 161 11.84 -16.98 15.70
N LEU A 162 11.46 -16.92 14.42
CA LEU A 162 10.79 -18.04 13.78
C LEU A 162 11.73 -19.23 13.58
N LEU A 163 12.98 -18.93 13.26
CA LEU A 163 13.96 -19.98 12.99
C LEU A 163 14.56 -20.56 14.28
N ASN A 164 14.89 -19.69 15.22
CA ASN A 164 15.61 -20.10 16.42
C ASN A 164 14.69 -20.53 17.57
N GLY A 165 13.45 -20.07 17.55
CA GLY A 165 12.52 -20.37 18.61
C GLY A 165 11.29 -21.14 18.17
N THR A 166 10.49 -20.51 17.32
CA THR A 166 9.22 -21.11 16.87
C THR A 166 9.42 -22.47 16.20
N CYS A 167 10.37 -22.53 15.28
CA CYS A 167 10.56 -23.74 14.46
C CYS A 167 10.93 -24.97 15.27
N PRO A 168 11.99 -24.89 16.08
CA PRO A 168 12.45 -26.03 16.89
C PRO A 168 11.35 -26.55 17.81
N GLN A 169 10.50 -25.65 18.31
CA GLN A 169 9.39 -26.06 19.17
C GLN A 169 8.31 -26.77 18.37
N PHE A 170 7.92 -26.17 17.25
CA PHE A 170 6.88 -26.74 16.41
C PHE A 170 7.30 -28.10 15.86
N VAL A 171 8.60 -28.27 15.63
CA VAL A 171 9.14 -29.52 15.09
C VAL A 171 9.15 -30.60 16.17
N SER A 172 9.41 -30.20 17.40
CA SER A 172 9.38 -31.12 18.52
C SER A 172 7.94 -31.56 18.78
N GLY A 173 7.00 -30.64 18.55
CA GLY A 173 5.60 -30.93 18.72
C GLY A 173 5.10 -31.94 17.68
N LEU A 174 5.60 -31.81 16.45
CA LEU A 174 5.22 -32.72 15.38
C LEU A 174 5.81 -34.10 15.59
N LEU A 175 7.04 -34.17 16.08
CA LEU A 175 7.72 -35.44 16.29
C LEU A 175 7.00 -36.34 17.28
N GLU A 176 6.34 -35.74 18.26
CA GLU A 176 5.62 -36.52 19.26
C GLU A 176 4.15 -36.72 18.90
N SER A 177 3.53 -35.68 18.34
CA SER A 177 2.12 -35.74 17.97
C SER A 177 1.86 -36.77 16.87
N GLY A 178 2.83 -36.90 15.96
CA GLY A 178 2.72 -37.86 14.88
C GLY A 178 3.82 -38.90 14.93
N LYS A 179 4.17 -39.31 16.14
CA LYS A 179 5.27 -40.26 16.35
C LYS A 179 4.96 -41.64 15.78
N SER A 180 3.70 -42.05 15.86
CA SER A 180 3.30 -43.38 15.41
C SER A 180 3.28 -43.50 13.88
N GLU A 181 2.79 -42.46 13.20
CA GLU A 181 2.74 -42.50 11.75
C GLU A 181 4.12 -42.30 11.13
N LEU A 182 5.03 -41.73 11.90
CA LEU A 182 6.41 -41.56 11.44
C LEU A 182 7.20 -42.86 11.55
N LYS A 183 6.84 -43.69 12.52
CA LYS A 183 7.49 -44.97 12.73
C LYS A 183 6.70 -46.09 12.07
N LYS A 184 5.59 -45.72 11.44
CA LYS A 184 4.73 -46.67 10.74
C LYS A 184 5.54 -47.46 9.71
N GLN A 185 5.14 -48.71 9.48
CA GLN A 185 5.81 -49.57 8.51
C GLN A 185 4.81 -50.11 7.49
N VAL A 186 5.20 -50.08 6.22
CA VAL A 186 4.34 -50.57 5.16
C VAL A 186 5.11 -51.52 4.25
N LYS A 187 4.62 -52.75 4.13
CA LYS A 187 5.29 -53.75 3.32
C LYS A 187 5.04 -53.52 1.83
N PRO A 188 6.12 -53.52 1.04
CA PRO A 188 6.03 -53.37 -0.41
C PRO A 188 5.70 -54.69 -1.09
N LYS A 189 4.97 -54.64 -2.19
CA LYS A 189 4.76 -55.82 -3.03
C LYS A 189 5.73 -55.74 -4.19
N ALA A 190 6.22 -56.90 -4.63
CA ALA A 190 7.20 -56.94 -5.70
C ALA A 190 6.77 -57.85 -6.83
N TRP A 191 7.30 -57.61 -8.02
CA TRP A 191 6.99 -58.44 -9.18
C TRP A 191 8.06 -58.28 -10.26
N LEU A 192 8.27 -59.34 -11.03
CA LEU A 192 9.30 -59.33 -12.07
C LEU A 192 8.70 -59.08 -13.44
N SER A 193 9.53 -58.63 -14.37
CA SER A 193 9.10 -58.40 -15.74
C SER A 193 10.30 -58.42 -16.67
N ARG A 194 10.04 -58.65 -17.97
CA ARG A 194 11.11 -58.64 -18.96
C ARG A 194 11.10 -57.33 -19.74
N GLY A 195 12.16 -56.54 -19.57
CA GLY A 195 12.26 -55.25 -20.22
C GLY A 195 12.64 -55.36 -21.69
N PRO A 196 12.92 -54.20 -22.32
CA PRO A 196 13.40 -54.15 -23.70
C PRO A 196 14.83 -54.66 -23.79
N SER A 197 15.09 -55.57 -24.73
CA SER A 197 16.40 -56.20 -24.85
C SER A 197 17.49 -55.23 -25.28
N PRO A 198 18.59 -55.18 -24.53
CA PRO A 198 19.74 -54.32 -24.79
C PRO A 198 20.34 -54.59 -26.17
N LEU A 203 18.16 -59.65 -23.20
CA LEU A 203 17.04 -59.72 -22.28
C LEU A 203 17.43 -59.17 -20.91
N LEU A 204 16.87 -58.01 -20.57
CA LEU A 204 17.17 -57.37 -19.29
C LEU A 204 16.05 -57.59 -18.27
N LEU A 205 16.42 -58.14 -17.12
CA LEU A 205 15.45 -58.48 -16.08
C LEU A 205 15.09 -57.27 -15.22
N VAL A 206 13.81 -57.11 -14.94
CA VAL A 206 13.34 -55.98 -14.17
C VAL A 206 12.68 -56.41 -12.86
N CYS A 207 13.18 -55.87 -11.75
CA CYS A 207 12.57 -56.10 -10.45
C CYS A 207 11.81 -54.85 -9.99
N HIS A 208 10.50 -54.98 -9.86
CA HIS A 208 9.67 -53.87 -9.42
C HIS A 208 9.37 -53.98 -7.93
N VAL A 209 9.48 -52.86 -7.21
CA VAL A 209 9.21 -52.84 -5.78
C VAL A 209 8.45 -51.57 -5.42
N SER A 210 7.15 -51.70 -5.18
CA SER A 210 6.30 -50.55 -4.92
C SER A 210 5.41 -50.74 -3.70
N GLY A 211 5.19 -49.64 -2.97
CA GLY A 211 4.27 -49.64 -1.85
C GLY A 211 4.94 -49.65 -0.49
N PHE A 212 6.25 -49.40 -0.45
CA PHE A 212 6.99 -49.47 0.80
C PHE A 212 7.14 -48.13 1.52
N TYR A 213 7.06 -48.18 2.85
CA TYR A 213 7.29 -47.03 3.71
C TYR A 213 7.83 -47.52 5.05
N PRO A 214 8.83 -46.83 5.60
CA PRO A 214 9.40 -45.58 5.09
C PRO A 214 10.23 -45.76 3.81
N LYS A 215 11.02 -44.74 3.48
CA LYS A 215 11.67 -44.67 2.17
C LYS A 215 12.87 -45.60 2.00
N PRO A 216 13.78 -45.64 2.98
CA PRO A 216 14.98 -46.48 2.91
C PRO A 216 14.66 -47.91 2.45
N VAL A 217 15.44 -48.43 1.51
CA VAL A 217 15.18 -49.75 0.93
C VAL A 217 16.42 -50.35 0.29
N TRP A 218 16.43 -51.68 0.15
CA TRP A 218 17.56 -52.37 -0.47
C TRP A 218 17.06 -53.35 -1.52
N VAL A 219 17.61 -53.26 -2.73
CA VAL A 219 17.18 -54.10 -3.84
C VAL A 219 18.35 -54.53 -4.71
N LYS A 220 18.53 -55.84 -4.85
CA LYS A 220 19.64 -56.38 -5.64
C LYS A 220 19.29 -57.74 -6.24
N TRP A 221 19.86 -58.03 -7.40
CA TRP A 221 19.69 -59.34 -8.04
C TRP A 221 20.72 -60.33 -7.50
N MET A 222 20.24 -61.48 -7.05
CA MET A 222 21.09 -62.45 -6.38
C MET A 222 21.66 -63.49 -7.33
N ARG A 223 22.88 -63.95 -7.03
CA ARG A 223 23.56 -64.95 -7.84
C ARG A 223 22.69 -66.18 -8.05
N GLN A 228 25.04 -61.80 -4.86
CA GLN A 228 25.12 -60.39 -5.23
C GLN A 228 25.58 -60.25 -6.67
N GLN A 229 24.98 -59.30 -7.39
CA GLN A 229 25.33 -59.08 -8.79
C GLN A 229 25.53 -57.60 -9.09
N GLY A 230 25.94 -57.30 -10.31
CA GLY A 230 26.12 -55.92 -10.75
C GLY A 230 24.78 -55.31 -11.13
N THR A 231 23.90 -55.15 -10.14
CA THR A 231 22.57 -54.63 -10.38
C THR A 231 22.57 -53.11 -10.53
N GLN A 232 21.69 -52.60 -11.37
CA GLN A 232 21.56 -51.16 -11.56
C GLN A 232 20.23 -50.66 -11.01
N PRO A 233 20.26 -50.11 -9.79
CA PRO A 233 19.05 -49.62 -9.11
C PRO A 233 18.61 -48.27 -9.68
N GLY A 234 17.32 -48.12 -9.93
CA GLY A 234 16.79 -46.88 -10.45
C GLY A 234 16.49 -45.89 -9.33
N ASP A 235 15.81 -44.80 -9.68
CA ASP A 235 15.44 -43.78 -8.70
C ASP A 235 14.25 -44.24 -7.87
N ILE A 236 14.20 -43.80 -6.62
CA ILE A 236 13.06 -44.10 -5.76
C ILE A 236 11.93 -43.11 -6.01
N LEU A 237 10.99 -43.49 -6.88
CA LEU A 237 9.87 -42.64 -7.24
C LEU A 237 8.74 -42.75 -6.22
N PRO A 238 7.97 -41.67 -6.04
CA PRO A 238 6.87 -41.64 -5.09
C PRO A 238 5.57 -42.17 -5.69
N ASN A 239 4.70 -42.70 -4.83
CA ASN A 239 3.34 -43.05 -5.23
C ASN A 239 2.39 -42.00 -4.66
N ALA A 240 1.16 -42.00 -5.15
CA ALA A 240 0.17 -41.01 -4.71
C ALA A 240 -0.19 -41.12 -3.23
N ASP A 241 -0.07 -42.32 -2.66
CA ASP A 241 -0.46 -42.55 -1.28
C ASP A 241 0.71 -42.42 -0.30
N GLU A 242 1.83 -41.91 -0.78
CA GLU A 242 2.97 -41.61 0.09
C GLU A 242 3.90 -42.80 0.31
N THR A 243 3.69 -43.86 -0.46
CA THR A 243 4.64 -44.97 -0.51
C THR A 243 5.59 -44.71 -1.68
N TRP A 244 6.58 -45.57 -1.85
CA TRP A 244 7.57 -45.37 -2.90
C TRP A 244 7.60 -46.51 -3.92
N TYR A 245 8.15 -46.21 -5.09
CA TYR A 245 8.34 -47.22 -6.13
C TYR A 245 9.82 -47.26 -6.51
N LEU A 246 10.33 -48.46 -6.79
CA LEU A 246 11.72 -48.61 -7.20
C LEU A 246 11.87 -49.69 -8.26
N ARG A 247 12.87 -49.53 -9.11
CA ARG A 247 13.12 -50.50 -10.17
C ARG A 247 14.59 -50.89 -10.21
N ALA A 248 14.86 -52.19 -10.17
CA ALA A 248 16.21 -52.71 -10.28
C ALA A 248 16.33 -53.58 -11.53
N THR A 249 17.20 -53.18 -12.44
CA THR A 249 17.37 -53.91 -13.69
C THR A 249 18.76 -54.52 -13.80
N LEU A 250 18.82 -55.71 -14.39
CA LEU A 250 20.09 -56.38 -14.63
C LEU A 250 20.21 -56.78 -16.10
N ASP A 251 21.31 -56.40 -16.72
CA ASP A 251 21.54 -56.72 -18.13
C ASP A 251 22.32 -58.03 -18.26
N VAL A 252 21.63 -59.08 -18.72
CA VAL A 252 22.22 -60.40 -18.81
C VAL A 252 21.89 -61.09 -20.13
N VAL A 253 22.71 -62.08 -20.49
CA VAL A 253 22.47 -62.87 -21.69
C VAL A 253 21.42 -63.94 -21.43
N ALA A 254 20.52 -64.12 -22.38
CA ALA A 254 19.46 -65.12 -22.25
C ALA A 254 20.02 -66.53 -22.42
N ALA A 258 17.42 -67.74 -15.03
CA ALA A 258 17.82 -69.12 -14.74
C ALA A 258 18.67 -69.19 -13.47
N GLY A 259 18.01 -69.29 -12.33
CA GLY A 259 18.70 -69.30 -11.05
C GLY A 259 18.86 -67.90 -10.49
N LEU A 260 18.64 -66.91 -11.36
CA LEU A 260 18.72 -65.51 -10.96
C LEU A 260 17.57 -65.13 -10.05
N SER A 261 17.85 -64.32 -9.04
CA SER A 261 16.85 -63.94 -8.06
C SER A 261 16.89 -62.44 -7.77
N CYS A 262 15.77 -61.90 -7.31
CA CYS A 262 15.72 -60.53 -6.85
C CYS A 262 15.47 -60.50 -5.35
N ARG A 263 16.29 -59.75 -4.62
CA ARG A 263 16.17 -59.67 -3.17
C ARG A 263 15.79 -58.26 -2.73
N VAL A 264 14.83 -58.18 -1.82
CA VAL A 264 14.39 -56.89 -1.30
C VAL A 264 14.49 -56.84 0.22
N LYS A 265 15.28 -55.89 0.72
CA LYS A 265 15.41 -55.69 2.16
C LYS A 265 14.78 -54.38 2.59
N HIS A 266 13.76 -54.47 3.44
CA HIS A 266 13.05 -53.29 3.91
C HIS A 266 12.66 -53.44 5.39
N SER A 267 12.63 -52.31 6.10
CA SER A 267 12.32 -52.31 7.53
C SER A 267 10.99 -52.97 7.85
N SER A 268 10.01 -52.82 6.95
CA SER A 268 8.71 -53.44 7.15
C SER A 268 8.84 -54.96 7.13
N LEU A 269 9.89 -55.43 6.48
CA LEU A 269 10.15 -56.86 6.40
C LEU A 269 10.96 -57.32 7.61
N GLU A 270 10.26 -57.75 8.65
CA GLU A 270 10.89 -58.21 9.89
C GLU A 270 11.85 -59.37 9.65
N GLY A 271 12.95 -59.10 8.97
CA GLY A 271 13.94 -60.12 8.67
C GLY A 271 13.52 -61.01 7.52
N GLN A 272 12.27 -60.86 7.09
CA GLN A 272 11.73 -61.69 6.02
C GLN A 272 11.89 -61.06 4.64
N ASP A 273 13.13 -61.04 4.14
CA ASP A 273 13.42 -60.50 2.83
C ASP A 273 12.48 -61.06 1.77
N ILE A 274 12.03 -60.19 0.87
CA ILE A 274 11.26 -60.63 -0.29
C ILE A 274 12.20 -61.21 -1.32
N VAL A 275 11.85 -62.38 -1.85
CA VAL A 275 12.68 -63.05 -2.82
C VAL A 275 11.84 -63.57 -3.99
N LEU A 276 12.22 -63.19 -5.20
CA LEU A 276 11.50 -63.59 -6.40
C LEU A 276 12.48 -64.18 -7.42
N TYR A 277 12.24 -65.43 -7.80
CA TYR A 277 13.09 -66.10 -8.78
C TYR A 277 12.57 -65.93 -10.21
N TRP A 278 13.49 -65.87 -11.16
CA TRP A 278 13.14 -65.77 -12.56
C TRP A 278 12.91 -67.14 -13.17
CA GLN B 12 -15.65 15.64 9.63
C GLN B 12 -15.02 16.97 10.02
N ALA B 13 -15.76 17.75 10.81
CA ALA B 13 -15.29 19.06 11.24
C ALA B 13 -15.43 19.22 12.75
N LEU B 14 -14.45 19.88 13.36
CA LEU B 14 -14.44 20.08 14.81
C LEU B 14 -14.18 21.53 15.18
N SER B 15 -15.07 22.12 15.98
CA SER B 15 -14.92 23.50 16.41
C SER B 15 -14.85 23.59 17.94
N ILE B 16 -13.78 24.19 18.44
CA ILE B 16 -13.59 24.37 19.87
C ILE B 16 -13.17 25.80 20.19
N GLN B 17 -13.06 26.10 21.48
CA GLN B 17 -12.64 27.44 21.91
C GLN B 17 -11.20 27.45 22.43
N GLU B 18 -10.52 28.56 22.20
CA GLU B 18 -9.15 28.72 22.65
C GLU B 18 -9.00 28.33 24.11
N GLY B 19 -8.00 27.49 24.40
CA GLY B 19 -7.78 27.04 25.76
C GLY B 19 -8.33 25.64 26.01
N GLU B 20 -9.34 25.27 25.24
CA GLU B 20 -9.94 23.94 25.37
C GLU B 20 -9.04 22.88 24.73
N ASN B 21 -9.27 21.63 25.10
CA ASN B 21 -8.51 20.53 24.52
C ASN B 21 -9.24 19.90 23.33
N ALA B 22 -8.46 19.52 22.31
CA ALA B 22 -9.03 18.92 21.11
C ALA B 22 -8.57 17.49 20.94
N THR B 23 -9.52 16.59 20.69
CA THR B 23 -9.21 15.19 20.46
C THR B 23 -9.78 14.71 19.14
N MET B 24 -8.93 14.10 18.32
CA MET B 24 -9.37 13.62 17.01
C MET B 24 -9.11 12.12 16.85
N ASN B 25 -10.04 11.46 16.16
CA ASN B 25 -9.99 10.00 16.03
C ASN B 25 -9.53 9.56 14.64
N CYS B 26 -8.87 8.42 14.59
CA CYS B 26 -8.41 7.83 13.34
C CYS B 26 -8.40 6.31 13.46
N SER B 27 -8.68 5.63 12.35
CA SER B 27 -8.68 4.16 12.34
C SER B 27 -8.21 3.60 11.00
N TYR B 28 -7.45 2.52 11.05
CA TYR B 28 -6.95 1.86 9.85
C TYR B 28 -7.40 0.41 9.81
N LYS B 29 -6.94 -0.33 8.81
CA LYS B 29 -7.40 -1.70 8.60
C LYS B 29 -6.29 -2.74 8.61
N THR B 30 -5.24 -2.49 7.83
CA THR B 30 -4.16 -3.46 7.65
C THR B 30 -3.12 -3.38 8.75
N SER B 31 -2.05 -4.16 8.59
CA SER B 31 -0.92 -4.10 9.51
C SER B 31 -0.06 -2.89 9.16
N ILE B 32 0.40 -2.18 10.18
CA ILE B 32 1.17 -0.97 9.97
C ILE B 32 2.45 -0.98 10.80
N ASN B 33 3.51 -0.39 10.25
CA ASN B 33 4.77 -0.27 10.98
C ASN B 33 4.73 0.92 11.93
N ASN B 34 4.11 2.01 11.47
CA ASN B 34 3.93 3.20 12.30
C ASN B 34 2.77 4.05 11.81
N LEU B 35 2.29 4.93 12.68
CA LEU B 35 1.19 5.84 12.34
C LEU B 35 1.59 7.28 12.64
N GLN B 36 1.26 8.18 11.72
CA GLN B 36 1.64 9.58 11.87
C GLN B 36 0.48 10.53 11.60
N TRP B 37 0.51 11.68 12.26
CA TRP B 37 -0.50 12.71 12.07
C TRP B 37 0.07 13.92 11.34
N TYR B 38 -0.70 14.47 10.41
CA TYR B 38 -0.29 15.66 9.68
C TYR B 38 -1.33 16.75 9.87
N ARG B 39 -0.92 17.99 9.62
CA ARG B 39 -1.86 19.11 9.60
C ARG B 39 -1.63 19.94 8.34
N GLN B 40 -2.70 20.51 7.80
CA GLN B 40 -2.60 21.34 6.61
C GLN B 40 -3.34 22.66 6.81
N ASN B 41 -2.85 23.71 6.15
CA ASN B 41 -3.51 25.01 6.19
C ASN B 41 -3.78 25.54 4.79
N SER B 42 -4.77 26.44 4.69
CA SER B 42 -5.17 27.00 3.40
C SER B 42 -3.99 27.55 2.61
N GLY B 43 -3.75 26.96 1.44
CA GLY B 43 -2.70 27.42 0.55
C GLY B 43 -1.32 26.86 0.85
N ARG B 44 -1.27 25.83 1.70
CA ARG B 44 -0.01 25.23 2.09
C ARG B 44 -0.03 23.71 1.96
N GLY B 45 1.11 23.08 2.22
CA GLY B 45 1.22 21.64 2.16
C GLY B 45 1.13 21.01 3.54
N LEU B 46 1.08 19.67 3.58
CA LEU B 46 0.99 18.96 4.84
C LEU B 46 2.26 19.14 5.66
N VAL B 47 2.10 19.20 6.98
CA VAL B 47 3.22 19.27 7.90
C VAL B 47 3.16 18.12 8.90
N HIS B 48 4.20 17.30 8.92
CA HIS B 48 4.25 16.17 9.86
C HIS B 48 4.24 16.68 11.29
N LEU B 49 3.39 16.08 12.12
CA LEU B 49 3.24 16.51 13.50
C LEU B 49 3.91 15.54 14.48
N ILE B 50 3.60 14.26 14.35
CA ILE B 50 4.10 13.27 15.28
C ILE B 50 3.95 11.84 14.76
N LEU B 51 4.88 10.98 15.16
CA LEU B 51 4.93 9.60 14.66
C LEU B 51 4.93 8.60 15.82
N ILE B 52 4.06 7.60 15.74
CA ILE B 52 4.02 6.54 16.73
C ILE B 52 4.17 5.17 16.08
N ARG B 53 5.09 4.37 16.62
CA ARG B 53 5.34 3.04 16.09
C ARG B 53 4.31 2.04 16.60
N SER B 54 4.22 0.89 15.93
CA SER B 54 3.22 -0.13 16.25
C SER B 54 3.44 -0.77 17.63
N ASN B 55 4.68 -0.73 18.10
CA ASN B 55 5.00 -1.29 19.41
C ASN B 55 4.91 -0.25 20.52
N GLU B 56 4.37 0.91 20.19
CA GLU B 56 4.19 1.98 21.17
C GLU B 56 2.70 2.25 21.39
N ARG B 57 2.38 2.86 22.52
CA ARG B 57 0.99 3.10 22.88
C ARG B 57 0.69 4.59 23.07
N GLU B 58 1.72 5.36 23.36
CA GLU B 58 1.55 6.79 23.60
C GLU B 58 2.85 7.56 23.35
N LYS B 59 2.71 8.73 22.73
CA LYS B 59 3.86 9.58 22.46
C LYS B 59 3.50 11.05 22.71
N HIS B 60 4.45 11.80 23.26
CA HIS B 60 4.21 13.19 23.60
C HIS B 60 5.19 14.13 22.90
N SER B 61 4.74 15.36 22.64
CA SER B 61 5.57 16.37 22.03
C SER B 61 4.86 17.71 22.13
N GLY B 62 5.46 18.65 22.85
CA GLY B 62 4.83 19.94 23.07
C GLY B 62 3.46 19.80 23.70
N ARG B 63 2.43 20.24 22.99
CA ARG B 63 1.07 20.25 23.52
C ARG B 63 0.19 19.15 22.95
N LEU B 64 0.75 18.33 22.07
CA LEU B 64 -0.01 17.24 21.47
C LEU B 64 0.44 15.87 21.97
N ARG B 65 -0.50 14.94 22.04
CA ARG B 65 -0.22 13.58 22.47
C ARG B 65 -0.97 12.59 21.59
N VAL B 66 -0.26 11.57 21.11
CA VAL B 66 -0.87 10.55 20.27
C VAL B 66 -0.96 9.22 21.01
N THR B 67 -2.08 8.53 20.83
CA THR B 67 -2.25 7.21 21.42
C THR B 67 -2.58 6.19 20.33
N LEU B 68 -2.01 4.99 20.47
CA LEU B 68 -2.18 3.96 19.46
C LEU B 68 -2.70 2.65 20.04
N ASP B 69 -3.89 2.25 19.61
CA ASP B 69 -4.47 0.97 20.01
C ASP B 69 -4.43 0.00 18.84
N THR B 70 -3.35 -0.78 18.76
CA THR B 70 -3.19 -1.74 17.68
C THR B 70 -4.28 -2.80 17.70
N SER B 71 -4.82 -3.08 18.88
CA SER B 71 -5.88 -4.05 19.03
C SER B 71 -7.15 -3.59 18.30
N LYS B 72 -7.64 -2.41 18.68
CA LYS B 72 -8.81 -1.84 18.05
C LYS B 72 -8.42 -1.12 16.75
N LYS B 73 -7.13 -1.12 16.45
CA LYS B 73 -6.60 -0.49 15.25
C LYS B 73 -7.12 0.94 15.06
N SER B 74 -6.77 1.81 16.00
CA SER B 74 -7.16 3.21 15.92
C SER B 74 -6.18 4.08 16.70
N SER B 75 -6.22 5.38 16.43
CA SER B 75 -5.36 6.33 17.12
C SER B 75 -6.11 7.62 17.41
N SER B 76 -5.73 8.29 18.49
CA SER B 76 -6.31 9.58 18.82
C SER B 76 -5.22 10.65 18.93
N LEU B 77 -5.53 11.86 18.47
CA LEU B 77 -4.62 12.98 18.61
C LEU B 77 -5.21 14.01 19.55
N LEU B 78 -4.54 14.23 20.67
CA LEU B 78 -5.00 15.20 21.66
C LEU B 78 -4.19 16.49 21.60
N ILE B 79 -4.88 17.62 21.49
CA ILE B 79 -4.23 18.92 21.54
C ILE B 79 -4.72 19.68 22.77
N THR B 80 -3.83 19.88 23.73
CA THR B 80 -4.20 20.60 24.96
C THR B 80 -3.98 22.09 24.79
N ALA B 81 -4.77 22.89 25.50
CA ALA B 81 -4.68 24.34 25.42
C ALA B 81 -4.80 24.80 23.98
N SER B 82 -5.90 24.40 23.33
CA SER B 82 -6.16 24.77 21.94
C SER B 82 -5.91 26.25 21.71
N ARG B 83 -5.25 26.57 20.61
CA ARG B 83 -4.94 27.96 20.27
C ARG B 83 -5.23 28.22 18.81
N ALA B 84 -5.60 29.47 18.49
CA ALA B 84 -5.94 29.84 17.13
C ALA B 84 -4.97 29.24 16.12
N ALA B 85 -3.69 29.18 16.50
CA ALA B 85 -2.65 28.65 15.62
C ALA B 85 -2.91 27.18 15.28
N ASP B 86 -3.72 26.51 16.10
CA ASP B 86 -4.01 25.11 15.90
C ASP B 86 -5.03 24.89 14.79
N THR B 87 -5.73 25.95 14.43
CA THR B 87 -6.72 25.88 13.35
C THR B 87 -6.07 25.35 12.07
N ALA B 88 -6.56 24.23 11.58
CA ALA B 88 -5.99 23.59 10.40
C ALA B 88 -6.75 22.31 10.06
N SER B 89 -6.33 21.65 8.98
CA SER B 89 -6.85 20.33 8.65
C SER B 89 -5.87 19.26 9.14
N TYR B 90 -6.38 18.29 9.88
CA TYR B 90 -5.54 17.24 10.44
C TYR B 90 -5.75 15.89 9.75
N PHE B 91 -4.65 15.26 9.36
CA PHE B 91 -4.71 13.98 8.65
C PHE B 91 -3.93 12.90 9.39
N CYS B 92 -4.50 11.69 9.40
CA CYS B 92 -3.80 10.53 9.91
C CYS B 92 -3.32 9.68 8.74
N ALA B 93 -2.05 9.26 8.79
CA ALA B 93 -1.48 8.44 7.74
C ALA B 93 -0.69 7.26 8.30
N THR B 94 -0.91 6.08 7.72
CA THR B 94 -0.23 4.87 8.16
C THR B 94 0.89 4.46 7.22
N TYR B 95 1.94 3.85 7.77
CA TYR B 95 3.08 3.38 6.99
C TYR B 95 3.26 1.88 7.23
N ASP B 96 3.18 1.11 6.16
CA ASP B 96 3.10 -0.35 6.27
C ASP B 96 4.41 -1.11 6.07
N ARG B 97 5.54 -0.44 6.26
CA ARG B 97 6.83 -1.09 6.07
C ARG B 97 7.90 -0.53 7.01
N GLY B 98 8.89 -1.36 7.33
CA GLY B 98 10.01 -0.94 8.15
C GLY B 98 11.18 -0.51 7.29
N SER B 99 10.93 -0.35 5.99
CA SER B 99 11.97 0.05 5.06
C SER B 99 11.46 1.11 4.10
N THR B 100 12.23 1.41 3.06
CA THR B 100 11.88 2.45 2.10
C THR B 100 10.92 1.93 1.02
N LEU B 101 10.50 0.69 1.16
CA LEU B 101 9.51 0.11 0.24
C LEU B 101 8.11 0.31 0.77
N GLY B 102 7.97 1.13 1.79
CA GLY B 102 6.71 1.33 2.47
C GLY B 102 5.75 2.25 1.74
N ARG B 103 4.47 2.13 2.07
CA ARG B 103 3.43 2.96 1.48
C ARG B 103 2.75 3.81 2.56
N LEU B 104 2.73 5.12 2.35
CA LEU B 104 2.06 6.02 3.28
C LEU B 104 0.61 6.21 2.85
N TYR B 105 -0.32 5.82 3.71
CA TYR B 105 -1.74 5.93 3.40
C TYR B 105 -2.41 7.04 4.20
N PHE B 106 -3.03 7.98 3.49
CA PHE B 106 -3.67 9.12 4.14
C PHE B 106 -5.17 8.92 4.31
N GLY B 107 -5.70 9.44 5.41
CA GLY B 107 -7.13 9.45 5.65
C GLY B 107 -7.75 10.74 5.16
N ARG B 108 -9.07 10.88 5.33
CA ARG B 108 -9.78 12.04 4.82
C ARG B 108 -9.26 13.36 5.38
N GLY B 109 -9.11 13.43 6.70
CA GLY B 109 -8.64 14.65 7.34
C GLY B 109 -9.78 15.52 7.83
N THR B 110 -9.72 15.90 9.10
CA THR B 110 -10.78 16.69 9.71
C THR B 110 -10.36 18.14 9.95
N GLN B 111 -11.27 19.06 9.62
CA GLN B 111 -11.01 20.48 9.80
C GLN B 111 -11.20 20.91 11.25
N LEU B 112 -10.12 21.38 11.87
CA LEU B 112 -10.18 21.87 13.23
C LEU B 112 -10.09 23.39 13.23
N THR B 113 -11.04 24.03 13.88
CA THR B 113 -11.03 25.48 14.01
C THR B 113 -11.16 25.90 15.46
N VAL B 114 -10.16 26.62 15.96
CA VAL B 114 -10.17 27.10 17.34
C VAL B 114 -10.68 28.54 17.38
N TRP B 115 -11.85 28.73 17.96
CA TRP B 115 -12.48 30.04 18.02
C TRP B 115 -12.07 30.80 19.29
N PRO B 116 -12.18 32.13 19.26
CA PRO B 116 -11.83 32.99 20.39
C PRO B 116 -12.73 32.74 21.59
N ASP B 117 -12.14 32.67 22.78
CA ASP B 117 -12.93 32.57 24.00
C ASP B 117 -13.43 33.97 24.38
N ILE B 118 -14.71 34.21 24.13
CA ILE B 118 -15.29 35.53 24.34
C ILE B 118 -16.05 35.61 25.66
N GLN B 119 -15.42 36.20 26.67
CA GLN B 119 -16.00 36.29 28.00
C GLN B 119 -17.10 37.35 28.10
N ASN B 120 -16.90 38.46 27.39
CA ASN B 120 -17.87 39.55 27.40
C ASN B 120 -18.56 39.72 26.05
N PRO B 121 -19.45 38.78 25.70
CA PRO B 121 -20.20 38.81 24.43
C PRO B 121 -21.18 39.97 24.40
N ASP B 122 -21.40 40.53 23.22
CA ASP B 122 -22.35 41.64 23.06
C ASP B 122 -22.87 41.69 21.64
N PRO B 123 -23.71 40.70 21.27
CA PRO B 123 -24.25 40.56 19.91
C PRO B 123 -24.95 41.84 19.42
N ALA B 124 -24.57 42.30 18.24
CA ALA B 124 -25.15 43.51 17.66
C ALA B 124 -25.08 43.46 16.14
N VAL B 125 -26.04 44.10 15.48
CA VAL B 125 -26.07 44.15 14.02
C VAL B 125 -25.99 45.59 13.53
N TYR B 126 -24.83 45.97 13.04
CA TYR B 126 -24.62 47.33 12.57
C TYR B 126 -24.65 47.39 11.04
N GLN B 127 -25.12 48.52 10.51
CA GLN B 127 -25.13 48.74 9.06
C GLN B 127 -24.09 49.78 8.69
N LEU B 128 -23.60 49.72 7.45
CA LEU B 128 -22.59 50.65 6.98
C LEU B 128 -22.68 50.87 5.48
N ARG B 129 -22.50 52.11 5.05
CA ARG B 129 -22.59 52.45 3.63
C ARG B 129 -21.30 52.08 2.90
N ASP B 130 -21.37 52.05 1.58
CA ASP B 130 -20.21 51.70 0.75
C ASP B 130 -19.48 52.95 0.25
N SER B 131 -18.38 53.29 0.92
CA SER B 131 -17.59 54.44 0.52
C SER B 131 -16.90 54.20 -0.82
N LYS B 132 -17.24 55.03 -1.81
CA LYS B 132 -16.66 54.90 -3.14
C LYS B 132 -17.02 53.56 -3.77
N SER B 137 -24.39 49.86 2.65
CA SER B 137 -25.07 48.73 1.99
C SER B 137 -24.50 47.40 2.46
N VAL B 138 -23.97 47.38 3.68
CA VAL B 138 -23.43 46.16 4.27
C VAL B 138 -23.83 46.04 5.74
N CYS B 139 -24.31 44.86 6.12
CA CYS B 139 -24.71 44.61 7.50
C CYS B 139 -23.64 43.80 8.23
N LEU B 140 -23.41 44.13 9.49
CA LEU B 140 -22.36 43.48 10.27
C LEU B 140 -22.89 42.88 11.58
N PHE B 141 -22.84 41.55 11.68
CA PHE B 141 -23.21 40.86 12.90
C PHE B 141 -21.95 40.43 13.63
N THR B 142 -21.68 41.06 14.77
CA THR B 142 -20.43 40.83 15.50
C THR B 142 -20.63 40.77 17.01
N ASP B 143 -19.54 40.52 17.73
CA ASP B 143 -19.53 40.53 19.18
C ASP B 143 -20.40 39.44 19.82
N PHE B 144 -20.69 38.40 19.06
CA PHE B 144 -21.37 37.22 19.61
C PHE B 144 -20.31 36.22 20.06
N ASP B 145 -20.70 35.28 20.91
CA ASP B 145 -19.76 34.26 21.39
C ASP B 145 -19.47 33.23 20.30
N SER B 146 -18.42 32.44 20.52
CA SER B 146 -17.95 31.51 19.49
C SER B 146 -18.87 30.32 19.24
N GLN B 147 -19.85 30.12 20.12
CA GLN B 147 -20.79 29.02 19.95
C GLN B 147 -21.99 29.39 19.08
N THR B 148 -21.95 30.58 18.50
CA THR B 148 -23.01 31.03 17.59
C THR B 148 -22.66 30.71 16.15
N ASN B 149 -23.59 30.06 15.45
CA ASN B 149 -23.36 29.68 14.06
C ASN B 149 -24.22 30.47 13.09
N VAL B 150 -23.60 31.02 12.05
CA VAL B 150 -24.31 31.75 11.01
C VAL B 150 -24.58 30.84 9.83
N SER B 151 -25.72 31.03 9.17
CA SER B 151 -26.13 30.16 8.07
C SER B 151 -26.23 30.90 6.74
N GLN B 152 -25.91 30.21 5.66
CA GLN B 152 -25.99 30.79 4.33
C GLN B 152 -27.42 31.18 3.99
N SER B 153 -27.58 32.32 3.33
CA SER B 153 -28.90 32.85 3.01
C SER B 153 -29.55 32.11 1.84
N LYS B 154 -30.67 32.65 1.37
CA LYS B 154 -31.41 32.05 0.26
C LYS B 154 -30.74 32.34 -1.08
N ASP B 157 -31.08 34.94 -3.77
CA ASP B 157 -30.00 35.82 -4.23
C ASP B 157 -29.50 36.73 -3.12
N VAL B 158 -29.57 36.23 -1.89
CA VAL B 158 -29.06 36.97 -0.73
C VAL B 158 -27.70 36.42 -0.30
N TYR B 159 -26.87 37.29 0.28
CA TYR B 159 -25.49 36.94 0.56
C TYR B 159 -25.14 37.04 2.05
N ILE B 160 -24.98 35.89 2.69
CA ILE B 160 -24.58 35.83 4.10
C ILE B 160 -23.34 34.95 4.26
N THR B 161 -22.31 35.50 4.90
CA THR B 161 -21.09 34.74 5.15
C THR B 161 -21.12 34.10 6.52
N ASP B 162 -20.32 33.07 6.72
CA ASP B 162 -20.24 32.38 8.00
C ASP B 162 -19.18 33.03 8.87
N LYS B 163 -19.24 32.75 10.17
CA LYS B 163 -18.27 33.29 11.11
C LYS B 163 -16.85 33.21 10.54
N CYS B 164 -16.14 34.32 10.59
CA CYS B 164 -14.80 34.39 9.99
C CYS B 164 -13.72 33.88 10.94
N VAL B 165 -12.56 33.56 10.35
CA VAL B 165 -11.42 33.09 11.12
C VAL B 165 -10.38 34.19 11.29
N LEU B 166 -9.99 34.44 12.53
CA LEU B 166 -8.94 35.40 12.81
C LEU B 166 -7.60 34.81 12.38
N ASP B 167 -6.59 35.68 12.22
CA ASP B 167 -5.26 35.22 11.86
C ASP B 167 -4.29 35.39 13.03
N MET B 168 -3.38 34.44 13.17
CA MET B 168 -2.40 34.47 14.26
C MET B 168 -1.67 35.81 14.32
N ARG B 169 -0.70 35.99 13.43
CA ARG B 169 0.09 37.20 13.38
C ARG B 169 -0.78 38.45 13.46
N MET B 171 -4.40 38.61 16.87
CA MET B 171 -3.32 39.08 17.73
C MET B 171 -3.83 39.92 18.90
N ASP B 172 -4.20 41.16 18.61
CA ASP B 172 -4.68 42.07 19.65
C ASP B 172 -6.20 42.08 19.74
N PHE B 173 -6.86 42.57 18.71
CA PHE B 173 -8.31 42.57 18.67
C PHE B 173 -8.85 41.18 18.32
N LYS B 174 -9.72 40.66 19.17
CA LYS B 174 -10.32 39.35 18.96
C LYS B 174 -11.83 39.41 19.08
N SER B 175 -12.52 39.06 18.00
CA SER B 175 -13.98 39.08 17.98
C SER B 175 -14.57 38.30 16.81
N ASN B 176 -15.79 37.84 16.99
CA ASN B 176 -16.50 37.12 15.94
C ASN B 176 -17.35 38.07 15.10
N SER B 177 -17.47 37.77 13.81
CA SER B 177 -18.28 38.58 12.91
C SER B 177 -18.71 37.83 11.66
N ALA B 178 -19.90 38.16 11.18
CA ALA B 178 -20.42 37.61 9.93
C ALA B 178 -21.17 38.72 9.19
N VAL B 179 -20.80 38.94 7.93
CA VAL B 179 -21.38 40.05 7.17
C VAL B 179 -22.48 39.59 6.22
N ALA B 180 -23.43 40.49 6.00
CA ALA B 180 -24.48 40.26 5.00
C ALA B 180 -24.56 41.49 4.11
N TRP B 181 -24.84 41.29 2.82
CA TRP B 181 -24.90 42.40 1.89
C TRP B 181 -25.90 42.16 0.77
N SER B 182 -26.41 43.25 0.21
CA SER B 182 -27.35 43.18 -0.90
C SER B 182 -27.51 44.54 -1.57
N ASN B 183 -27.45 44.56 -2.90
CA ASN B 183 -27.58 45.80 -3.66
C ASN B 183 -29.00 46.36 -3.59
N LYS B 184 -29.87 45.68 -2.86
CA LYS B 184 -31.26 46.10 -2.74
C LYS B 184 -31.49 46.91 -1.47
N SER B 185 -32.26 47.99 -1.60
CA SER B 185 -32.55 48.87 -0.47
C SER B 185 -33.57 48.25 0.47
N ASP B 186 -34.03 47.05 0.13
CA ASP B 186 -35.02 46.36 0.95
C ASP B 186 -34.36 45.35 1.89
N ALA B 188 -32.09 46.62 5.34
CA ALA B 188 -32.65 46.23 6.62
C ALA B 188 -31.84 45.13 7.28
N CYS B 189 -30.88 45.52 8.12
CA CYS B 189 -30.03 44.57 8.80
C CYS B 189 -30.77 43.85 9.92
N ALA B 190 -31.87 44.46 10.37
CA ALA B 190 -32.66 43.91 11.47
C ALA B 190 -33.40 42.64 11.08
N ASN B 191 -33.15 42.16 9.86
CA ASN B 191 -33.82 40.96 9.37
C ASN B 191 -32.90 40.11 8.50
N ALA B 192 -31.62 40.47 8.46
CA ALA B 192 -30.65 39.78 7.61
C ALA B 192 -30.16 38.47 8.22
N PHE B 193 -29.94 38.47 9.54
CA PHE B 193 -29.36 37.30 10.22
C PHE B 193 -30.40 36.41 10.88
N ASN B 194 -31.66 36.84 10.83
CA ASN B 194 -32.77 36.07 11.40
C ASN B 194 -32.80 34.65 10.86
N ASN B 195 -32.05 34.42 9.80
CA ASN B 195 -32.03 33.12 9.15
C ASN B 195 -31.31 32.09 10.02
N SER B 196 -30.39 32.56 10.84
CA SER B 196 -29.62 31.69 11.72
C SER B 196 -30.12 31.77 13.16
N ILE B 197 -29.42 31.11 14.06
CA ILE B 197 -29.79 31.12 15.48
C ILE B 197 -28.99 32.17 16.24
N ILE B 198 -29.42 33.43 16.14
CA ILE B 198 -28.73 34.52 16.81
C ILE B 198 -29.25 34.73 18.21
N PRO B 199 -28.43 35.33 19.09
CA PRO B 199 -28.82 35.63 20.47
C PRO B 199 -30.13 36.40 20.54
N GLU B 200 -30.93 36.12 21.56
CA GLU B 200 -32.24 36.74 21.72
C GLU B 200 -32.11 38.23 22.02
N ASP B 201 -31.11 38.58 22.84
CA ASP B 201 -30.89 39.97 23.24
C ASP B 201 -29.98 40.69 22.27
N THR B 202 -29.86 40.17 21.06
CA THR B 202 -29.03 40.79 20.03
C THR B 202 -29.44 42.24 19.82
N PHE B 203 -28.48 43.15 19.95
CA PHE B 203 -28.75 44.58 19.81
C PHE B 203 -29.06 44.99 18.37
N PHE B 204 -30.03 45.86 18.23
CA PHE B 204 -30.38 46.42 16.92
C PHE B 204 -30.51 47.94 17.00
N PRO B 205 -29.53 48.66 16.44
CA PRO B 205 -29.49 50.13 16.44
C PRO B 205 -30.52 50.73 15.50
N ALA C 5 15.66 21.76 5.02
CA ALA C 5 14.63 22.19 4.09
C ALA C 5 15.23 22.93 2.90
N ASP C 6 14.45 23.10 1.84
CA ASP C 6 13.08 22.61 1.80
C ASP C 6 12.71 22.14 0.41
N ILE C 7 11.40 22.08 0.13
CA ILE C 7 10.92 21.71 -1.19
C ILE C 7 9.98 22.78 -1.74
N TYR C 8 10.08 23.05 -3.04
CA TYR C 8 9.38 24.18 -3.64
C TYR C 8 8.50 23.79 -4.81
N GLN C 9 7.36 24.47 -4.94
CA GLN C 9 6.43 24.21 -6.04
C GLN C 9 5.97 25.51 -6.71
N THR C 10 5.90 25.49 -8.03
CA THR C 10 5.31 26.59 -8.78
C THR C 10 4.46 26.05 -9.92
N PRO C 11 3.34 26.73 -10.22
CA PRO C 11 2.90 27.93 -9.50
C PRO C 11 1.97 27.56 -8.35
N ARG C 12 1.90 28.42 -7.34
CA ARG C 12 0.97 28.23 -6.23
C ARG C 12 -0.44 28.07 -6.77
N TYR C 13 -0.79 28.91 -7.74
CA TYR C 13 -2.12 28.90 -8.33
C TYR C 13 -2.03 28.80 -9.84
N LEU C 14 -3.14 28.39 -10.46
CA LEU C 14 -3.19 28.29 -11.91
C LEU C 14 -4.62 28.03 -12.37
N VAL C 15 -5.06 28.79 -13.37
CA VAL C 15 -6.31 28.51 -14.04
C VAL C 15 -6.06 28.38 -15.53
N ILE C 16 -6.54 27.28 -16.10
CA ILE C 16 -6.24 26.97 -17.49
C ILE C 16 -7.49 26.45 -18.20
N GLY C 17 -7.46 26.48 -19.53
CA GLY C 17 -8.59 26.03 -20.32
C GLY C 17 -8.62 24.52 -20.48
N THR C 18 -9.82 23.96 -20.65
CA THR C 18 -9.99 22.53 -20.86
C THR C 18 -9.16 22.04 -22.04
N GLY C 19 -8.27 21.08 -21.77
CA GLY C 19 -7.53 20.42 -22.83
C GLY C 19 -6.12 20.93 -23.09
N LYS C 20 -5.64 21.83 -22.22
CA LYS C 20 -4.30 22.37 -22.37
C LYS C 20 -3.25 21.51 -21.69
N LYS C 21 -2.00 21.64 -22.10
CA LYS C 21 -0.91 20.88 -21.49
C LYS C 21 -0.32 21.64 -20.30
N ILE C 22 -0.34 21.00 -19.14
CA ILE C 22 0.16 21.63 -17.92
C ILE C 22 1.41 20.94 -17.39
N THR C 23 2.34 21.73 -16.86
CA THR C 23 3.54 21.19 -16.24
C THR C 23 3.76 21.82 -14.87
N LEU C 24 3.55 21.01 -13.83
CA LEU C 24 3.71 21.48 -12.46
C LEU C 24 5.12 21.22 -11.96
N GLU C 25 5.77 22.28 -11.47
CA GLU C 25 7.15 22.19 -11.04
C GLU C 25 7.29 21.81 -9.57
N CYS C 26 8.24 20.92 -9.29
CA CYS C 26 8.59 20.59 -7.92
C CYS C 26 10.09 20.40 -7.79
N SER C 27 10.71 21.16 -6.89
CA SER C 27 12.13 21.03 -6.64
C SER C 27 12.38 20.78 -5.15
N GLN C 28 13.53 20.20 -4.85
CA GLN C 28 13.87 19.84 -3.49
C GLN C 28 15.39 19.84 -3.32
N THR C 29 15.86 20.53 -2.30
CA THR C 29 17.30 20.71 -2.08
C THR C 29 17.77 19.98 -0.83
N MET C 30 17.06 18.92 -0.48
CA MET C 30 17.40 18.15 0.72
C MET C 30 18.17 16.87 0.38
N GLY C 31 18.22 16.55 -0.91
CA GLY C 31 18.96 15.40 -1.37
C GLY C 31 18.19 14.09 -1.22
N HIS C 32 16.87 14.19 -1.17
CA HIS C 32 16.01 13.02 -1.00
C HIS C 32 15.83 12.25 -2.30
N ASP C 33 16.24 10.98 -2.30
CA ASP C 33 16.08 10.13 -3.46
C ASP C 33 14.62 9.84 -3.74
N LYS C 34 13.82 9.75 -2.67
CA LYS C 34 12.42 9.37 -2.77
C LYS C 34 11.51 10.58 -2.80
N MET C 35 10.67 10.67 -3.83
CA MET C 35 9.73 11.77 -3.96
C MET C 35 8.36 11.28 -4.39
N TYR C 36 7.33 12.11 -4.17
CA TYR C 36 5.96 11.71 -4.44
C TYR C 36 5.13 12.86 -4.99
N TRP C 37 4.10 12.51 -5.75
CA TRP C 37 3.08 13.48 -6.18
C TRP C 37 1.72 13.04 -5.66
N TYR C 38 0.93 14.01 -5.18
CA TYR C 38 -0.41 13.72 -4.68
C TYR C 38 -1.46 14.55 -5.38
N GLN C 39 -2.64 13.98 -5.56
CA GLN C 39 -3.81 14.71 -6.00
C GLN C 39 -4.78 14.81 -4.84
N GLN C 40 -5.19 16.04 -4.51
CA GLN C 40 -6.07 16.25 -3.36
C GLN C 40 -7.28 17.13 -3.67
N ASP C 41 -8.43 16.71 -3.18
CA ASP C 41 -9.60 17.57 -3.14
C ASP C 41 -9.57 18.32 -1.81
N PRO C 42 -9.81 19.64 -1.84
CA PRO C 42 -9.69 20.48 -0.65
C PRO C 42 -10.18 19.81 0.62
N GLY C 43 -9.29 19.65 1.60
CA GLY C 43 -9.63 19.04 2.86
C GLY C 43 -9.99 17.57 2.74
N MET C 44 -9.86 17.03 1.53
CA MET C 44 -10.24 15.64 1.27
C MET C 44 -9.04 14.69 1.27
N GLU C 45 -9.30 13.43 0.95
CA GLU C 45 -8.28 12.38 0.99
C GLU C 45 -7.22 12.57 -0.08
N LEU C 46 -5.97 12.38 0.29
CA LEU C 46 -4.86 12.48 -0.65
C LEU C 46 -4.73 11.20 -1.48
N HIS C 47 -4.40 11.37 -2.76
CA HIS C 47 -4.18 10.22 -3.64
C HIS C 47 -2.80 10.30 -4.28
N LEU C 48 -1.96 9.32 -3.97
CA LEU C 48 -0.66 9.19 -4.61
C LEU C 48 -0.89 8.89 -6.09
N ILE C 49 -0.35 9.72 -6.97
CA ILE C 49 -0.49 9.47 -8.42
C ILE C 49 0.83 9.11 -9.07
N HIS C 50 1.93 9.50 -8.43
CA HIS C 50 3.27 9.16 -8.91
C HIS C 50 4.26 9.10 -7.75
N TYR C 51 5.31 8.30 -7.92
CA TYR C 51 6.42 8.31 -6.96
C TYR C 51 7.73 7.94 -7.64
N SER C 52 8.83 8.15 -6.94
CA SER C 52 10.16 7.92 -7.50
C SER C 52 11.16 7.50 -6.43
N TYR C 53 11.96 6.49 -6.75
CA TYR C 53 13.01 6.04 -5.84
C TYR C 53 14.28 6.85 -6.04
N GLY C 54 14.39 7.50 -7.18
CA GLY C 54 15.57 8.30 -7.49
C GLY C 54 15.65 8.63 -8.96
N VAL C 55 16.83 9.02 -9.41
CA VAL C 55 17.03 9.40 -10.81
C VAL C 55 16.68 8.25 -11.74
N ASN C 56 15.75 8.49 -12.66
CA ASN C 56 15.30 7.49 -13.62
C ASN C 56 14.13 6.65 -13.13
N SER C 57 13.74 6.86 -11.87
CA SER C 57 12.62 6.16 -11.31
C SER C 57 11.34 6.97 -11.48
N THR C 58 10.40 6.43 -12.25
CA THR C 58 9.13 7.09 -12.49
C THR C 58 8.01 6.07 -12.39
N GLU C 59 7.38 5.98 -11.22
CA GLU C 59 6.37 4.95 -10.98
C GLU C 59 4.96 5.52 -10.84
N LYS C 60 3.98 4.78 -11.36
CA LYS C 60 2.58 5.17 -11.25
C LYS C 60 2.01 4.74 -9.90
N GLY C 61 1.14 5.57 -9.35
CA GLY C 61 0.52 5.28 -8.07
C GLY C 61 -0.84 4.64 -8.21
N ASP C 62 -1.53 4.47 -7.09
CA ASP C 62 -2.84 3.82 -7.08
C ASP C 62 -3.90 4.62 -7.85
N LEU C 63 -3.53 5.82 -8.28
CA LEU C 63 -4.44 6.69 -9.02
C LEU C 63 -4.00 6.83 -10.48
N SER C 65 -4.50 8.67 -13.06
CA SER C 65 -5.06 9.65 -13.97
C SER C 65 -4.11 9.95 -15.13
N GLU C 66 -4.55 10.80 -16.03
CA GLU C 66 -3.75 11.16 -17.21
C GLU C 66 -2.67 12.18 -16.86
N SER C 67 -1.48 11.67 -16.53
CA SER C 67 -0.34 12.53 -16.22
C SER C 67 0.93 11.71 -16.15
N THR C 68 2.07 12.38 -16.38
CA THR C 68 3.36 11.71 -16.31
C THR C 68 4.34 12.54 -15.49
N VAL C 69 5.44 11.90 -15.09
CA VAL C 69 6.51 12.59 -14.38
C VAL C 69 7.85 12.20 -14.97
N SER C 70 8.88 12.97 -14.63
CA SER C 70 10.24 12.64 -15.05
C SER C 70 11.20 12.89 -13.89
N ARG C 71 12.27 12.10 -13.84
CA ARG C 71 13.27 12.25 -12.79
C ARG C 71 14.67 12.20 -13.38
N ILE C 72 15.02 13.23 -14.14
CA ILE C 72 16.34 13.33 -14.75
C ILE C 72 17.38 13.70 -13.71
N ARG C 73 16.92 14.37 -12.65
CA ARG C 73 17.81 14.81 -11.58
C ARG C 73 17.14 14.64 -10.23
N THR C 74 17.97 14.51 -9.18
CA THR C 74 17.47 14.35 -7.83
C THR C 74 16.59 15.53 -7.43
N GLU C 75 17.06 16.73 -7.73
CA GLU C 75 16.41 17.96 -7.29
C GLU C 75 15.00 18.17 -7.87
N HIS C 76 14.77 17.71 -9.09
CA HIS C 76 13.54 18.04 -9.79
C HIS C 76 12.64 16.85 -10.07
N PHE C 77 11.35 17.04 -9.87
CA PHE C 77 10.35 15.99 -10.10
C PHE C 77 9.09 16.61 -10.69
N PRO C 78 9.19 17.11 -11.93
CA PRO C 78 8.11 17.83 -12.63
C PRO C 78 6.93 16.93 -13.00
N LEU C 79 5.72 17.46 -12.88
CA LEU C 79 4.51 16.73 -13.24
C LEU C 79 3.87 17.35 -14.48
N THR C 80 3.49 16.53 -15.44
CA THR C 80 2.88 17.01 -16.67
C THR C 80 1.48 16.46 -16.89
N LEU C 81 0.55 17.37 -17.19
CA LEU C 81 -0.82 16.99 -17.50
C LEU C 81 -1.06 17.07 -19.01
N GLU C 82 -0.90 15.94 -19.69
CA GLU C 82 -1.08 15.86 -21.14
C GLU C 82 -2.25 16.73 -21.59
N SER C 83 -3.44 16.39 -21.10
CA SER C 83 -4.64 17.18 -21.38
C SER C 83 -5.29 17.59 -20.06
N ALA C 84 -6.17 18.57 -20.13
CA ALA C 84 -6.84 19.07 -18.94
C ALA C 84 -8.36 19.01 -19.05
N ARG C 85 -8.97 18.21 -18.19
CA ARG C 85 -10.42 18.16 -18.09
C ARG C 85 -10.82 18.77 -16.74
N PRO C 86 -12.08 19.23 -16.62
CA PRO C 86 -12.54 19.83 -15.37
C PRO C 86 -12.22 18.91 -14.19
N SER C 87 -12.19 17.61 -14.45
CA SER C 87 -11.88 16.62 -13.43
C SER C 87 -10.51 16.89 -12.79
N HIS C 88 -9.67 17.65 -13.49
CA HIS C 88 -8.34 17.97 -12.99
C HIS C 88 -8.35 19.21 -12.12
N THR C 89 -9.54 19.58 -11.63
CA THR C 89 -9.66 20.70 -10.69
C THR C 89 -9.39 20.21 -9.28
N SER C 90 -8.23 20.59 -8.74
CA SER C 90 -7.86 20.17 -7.39
C SER C 90 -6.50 20.72 -6.98
N GLN C 91 -6.00 20.24 -5.85
CA GLN C 91 -4.70 20.64 -5.34
C GLN C 91 -3.67 19.55 -5.65
N TYR C 92 -2.48 19.97 -6.09
CA TYR C 92 -1.42 19.02 -6.41
C TYR C 92 -0.22 19.21 -5.49
N LEU C 93 -0.01 18.24 -4.61
CA LEU C 93 1.03 18.33 -3.59
C LEU C 93 2.25 17.50 -3.98
N CYS C 94 3.44 18.08 -3.78
CA CYS C 94 4.68 17.36 -4.01
C CYS C 94 5.37 17.09 -2.67
N ALA C 95 5.90 15.88 -2.51
CA ALA C 95 6.52 15.49 -1.26
C ALA C 95 7.78 14.66 -1.46
N SER C 96 8.55 14.50 -0.39
CA SER C 96 9.75 13.69 -0.42
C SER C 96 9.98 13.04 0.95
N SER C 97 10.86 12.04 0.99
CA SER C 97 11.18 11.36 2.25
C SER C 97 12.68 11.19 2.41
N GLU C 98 13.16 11.25 3.64
CA GLU C 98 14.59 11.21 3.92
C GLU C 98 15.24 9.89 3.51
N ASN C 99 16.52 9.96 3.17
CA ASN C 99 17.28 8.77 2.82
C ASN C 99 17.61 7.93 4.05
N SER C 100 17.69 6.62 3.86
CA SER C 100 18.08 5.72 4.94
C SER C 100 19.52 6.03 5.33
N GLY C 101 19.76 6.20 6.63
CA GLY C 101 21.09 6.50 7.11
C GLY C 101 21.29 7.99 7.40
N THR C 102 20.39 8.81 6.87
CA THR C 102 20.45 10.26 7.10
C THR C 102 19.49 10.67 8.22
N GLY C 103 18.23 10.28 8.07
CA GLY C 103 17.23 10.57 9.07
C GLY C 103 16.10 9.56 9.02
N ARG C 104 15.06 9.78 9.83
CA ARG C 104 13.91 8.88 9.83
C ARG C 104 13.26 8.89 8.45
N ILE C 105 13.01 7.71 7.90
CA ILE C 105 12.57 7.56 6.52
C ILE C 105 11.05 7.59 6.36
N TYR C 106 10.34 7.59 7.48
CA TYR C 106 8.89 7.39 7.45
C TYR C 106 8.08 8.64 7.08
N GLU C 107 8.43 9.78 7.68
CA GLU C 107 7.69 11.02 7.39
C GLU C 107 7.93 11.49 5.96
N GLN C 108 6.98 12.25 5.44
CA GLN C 108 7.15 12.88 4.14
C GLN C 108 7.08 14.40 4.27
N TYR C 109 8.01 15.06 3.59
CA TYR C 109 8.06 16.52 3.59
C TYR C 109 7.35 17.06 2.35
N PHE C 110 6.45 18.01 2.54
CA PHE C 110 5.62 18.50 1.44
C PHE C 110 6.00 19.89 0.97
N GLY C 111 5.54 20.25 -0.22
CA GLY C 111 5.71 21.59 -0.75
C GLY C 111 4.44 22.39 -0.52
N PRO C 112 4.44 23.66 -0.96
CA PRO C 112 3.28 24.54 -0.79
C PRO C 112 2.06 24.03 -1.56
N GLY C 113 2.32 23.27 -2.63
CA GLY C 113 1.24 22.73 -3.45
C GLY C 113 0.82 23.67 -4.56
N THR C 114 0.09 23.15 -5.53
CA THR C 114 -0.44 23.97 -6.62
C THR C 114 -1.96 23.85 -6.68
N ARG C 115 -2.64 24.98 -6.56
CA ARG C 115 -4.09 25.01 -6.64
C ARG C 115 -4.52 25.22 -8.09
N LEU C 116 -4.96 24.14 -8.73
CA LEU C 116 -5.28 24.17 -10.16
C LEU C 116 -6.78 24.16 -10.43
N THR C 117 -7.22 25.11 -11.24
CA THR C 117 -8.60 25.13 -11.70
C THR C 117 -8.65 25.00 -13.22
N VAL C 118 -9.40 24.02 -13.70
CA VAL C 118 -9.62 23.84 -15.13
C VAL C 118 -11.04 24.25 -15.48
N THR C 119 -11.17 25.27 -16.31
CA THR C 119 -12.48 25.80 -16.68
C THR C 119 -12.83 25.48 -18.13
N GLU C 120 -14.12 25.41 -18.41
CA GLU C 120 -14.61 25.09 -19.75
C GLU C 120 -14.31 26.21 -20.72
N ASP C 121 -14.25 27.44 -20.20
CA ASP C 121 -14.04 28.62 -21.03
C ASP C 121 -13.35 29.73 -20.25
N LEU C 122 -12.24 30.22 -20.76
CA LEU C 122 -11.46 31.25 -20.09
C LEU C 122 -12.23 32.56 -19.95
N LYS C 123 -13.38 32.64 -20.61
CA LYS C 123 -14.21 33.84 -20.54
C LYS C 123 -14.93 33.90 -19.19
N ASN C 124 -14.76 32.86 -18.40
CA ASN C 124 -15.34 32.81 -17.07
C ASN C 124 -14.41 33.40 -16.01
N VAL C 125 -13.18 33.72 -16.43
CA VAL C 125 -12.18 34.27 -15.53
C VAL C 125 -12.39 35.78 -15.33
N PHE C 126 -12.71 36.17 -14.10
CA PHE C 126 -12.92 37.57 -13.77
C PHE C 126 -12.06 37.99 -12.59
N PRO C 127 -11.48 39.20 -12.65
CA PRO C 127 -10.78 39.75 -11.49
C PRO C 127 -11.80 40.15 -10.43
N PRO C 128 -11.37 40.22 -9.17
CA PRO C 128 -12.31 40.61 -8.11
C PRO C 128 -12.63 42.10 -8.13
N GLU C 129 -13.84 42.45 -7.75
CA GLU C 129 -14.17 43.84 -7.46
C GLU C 129 -13.98 44.06 -5.96
N VAL C 130 -13.29 45.13 -5.60
CA VAL C 130 -12.94 45.37 -4.21
C VAL C 130 -13.63 46.61 -3.66
N ALA C 131 -14.40 46.42 -2.59
CA ALA C 131 -15.11 47.53 -1.96
C ALA C 131 -14.90 47.51 -0.44
N VAL C 132 -14.67 48.69 0.13
CA VAL C 132 -14.48 48.81 1.57
C VAL C 132 -15.61 49.62 2.19
N PHE C 133 -16.21 49.07 3.25
CA PHE C 133 -17.35 49.71 3.89
C PHE C 133 -16.96 50.31 5.24
N GLU C 134 -17.21 51.61 5.40
CA GLU C 134 -16.84 52.33 6.62
C GLU C 134 -17.52 51.75 7.85
N PRO C 135 -16.85 51.81 9.00
CA PRO C 135 -17.39 51.34 10.28
C PRO C 135 -18.71 52.04 10.61
N SER C 136 -19.65 51.30 11.19
CA SER C 136 -20.94 51.86 11.54
C SER C 136 -20.83 52.88 12.67
N GLU C 137 -21.64 53.92 12.61
CA GLU C 137 -21.68 54.94 13.65
C GLU C 137 -22.28 54.35 14.93
N ALA C 138 -23.28 53.49 14.76
CA ALA C 138 -23.98 52.88 15.88
C ALA C 138 -23.07 51.94 16.67
N GLU C 139 -21.97 51.52 16.05
CA GLU C 139 -21.01 50.65 16.72
C GLU C 139 -19.97 51.47 17.49
N ILE C 140 -19.65 52.65 16.96
CA ILE C 140 -18.64 53.50 17.56
C ILE C 140 -19.07 54.00 18.95
N SER C 141 -20.37 54.19 19.13
CA SER C 141 -20.90 54.68 20.40
C SER C 141 -21.46 53.53 21.25
N HIS C 142 -21.61 52.37 20.64
CA HIS C 142 -22.18 51.21 21.32
C HIS C 142 -21.10 50.30 21.90
N THR C 143 -19.91 50.35 21.31
CA THR C 143 -18.79 49.51 21.75
C THR C 143 -17.48 50.29 21.80
N GLN C 144 -17.53 51.55 21.36
CA GLN C 144 -16.33 52.38 21.32
C GLN C 144 -15.27 51.77 20.41
N LYS C 145 -15.73 51.00 19.43
CA LYS C 145 -14.84 50.39 18.44
C LYS C 145 -15.39 50.58 17.03
N ALA C 146 -14.53 50.35 16.04
CA ALA C 146 -14.91 50.55 14.64
C ALA C 146 -14.40 49.43 13.75
N THR C 147 -15.32 48.72 13.10
CA THR C 147 -14.97 47.63 12.20
C THR C 147 -15.17 47.99 10.74
N LEU C 148 -14.10 47.87 9.96
CA LEU C 148 -14.18 48.06 8.53
C LEU C 148 -14.42 46.71 7.87
N VAL C 149 -15.25 46.70 6.83
CA VAL C 149 -15.53 45.46 6.11
C VAL C 149 -15.13 45.58 4.65
N CYS C 150 -14.31 44.64 4.18
CA CYS C 150 -13.87 44.62 2.80
C CYS C 150 -14.61 43.52 2.02
N LEU C 151 -15.08 43.86 0.83
CA LEU C 151 -15.79 42.90 -0.01
C LEU C 151 -15.11 42.71 -1.36
N ALA C 152 -14.63 41.49 -1.59
CA ALA C 152 -14.11 41.10 -2.89
C ALA C 152 -15.16 40.23 -3.57
N THR C 153 -15.66 40.68 -4.72
CA THR C 153 -16.79 40.01 -5.34
C THR C 153 -16.56 39.68 -6.82
N GLY C 154 -17.41 38.79 -7.34
CA GLY C 154 -17.43 38.48 -8.76
C GLY C 154 -16.12 38.05 -9.38
N PHE C 155 -15.28 37.36 -8.61
CA PHE C 155 -14.03 36.87 -9.15
C PHE C 155 -14.04 35.38 -9.45
N TYR C 156 -13.12 34.96 -10.32
CA TYR C 156 -13.00 33.57 -10.72
C TYR C 156 -11.69 33.40 -11.49
N PRO C 157 -10.89 32.40 -11.12
CA PRO C 157 -11.21 31.39 -10.09
C PRO C 157 -11.08 31.95 -8.67
N ASP C 158 -11.35 31.10 -7.69
CA ASP C 158 -11.26 31.50 -6.29
C ASP C 158 -9.82 31.48 -5.79
N HIS C 159 -8.90 31.92 -6.66
CA HIS C 159 -7.50 32.01 -6.29
C HIS C 159 -7.18 33.43 -5.85
N VAL C 160 -7.33 33.68 -4.56
CA VAL C 160 -7.23 35.04 -4.02
C VAL C 160 -6.51 35.11 -2.68
N GLU C 161 -5.77 36.19 -2.48
CA GLU C 161 -5.10 36.45 -1.21
C GLU C 161 -5.39 37.88 -0.75
N LEU C 162 -6.09 38.01 0.38
CA LEU C 162 -6.50 39.32 0.87
C LEU C 162 -5.68 39.76 2.09
N SER C 163 -5.45 41.07 2.18
CA SER C 163 -4.70 41.63 3.31
C SER C 163 -5.10 43.08 3.56
N TRP C 164 -4.88 43.55 4.79
CA TRP C 164 -5.20 44.93 5.15
C TRP C 164 -3.95 45.77 5.30
N TRP C 165 -4.06 47.05 4.95
CA TRP C 165 -2.93 47.97 5.02
C TRP C 165 -3.33 49.31 5.65
N VAL C 166 -2.77 49.58 6.83
CA VAL C 166 -3.00 50.86 7.50
C VAL C 166 -1.78 51.76 7.39
N ASN C 167 -1.97 52.93 6.77
CA ASN C 167 -0.90 53.90 6.62
C ASN C 167 0.41 53.30 6.10
N GLY C 168 0.30 52.41 5.13
CA GLY C 168 1.47 51.84 4.47
C GLY C 168 1.94 50.51 5.01
N LYS C 169 1.45 50.13 6.19
CA LYS C 169 1.86 48.89 6.83
C LYS C 169 0.74 47.86 6.84
N GLU C 170 1.08 46.61 6.54
CA GLU C 170 0.10 45.53 6.61
C GLU C 170 -0.22 45.19 8.06
N VAL C 171 -1.50 45.15 8.38
CA VAL C 171 -1.93 44.87 9.75
C VAL C 171 -2.54 43.48 9.87
N HIS C 172 -2.32 42.84 11.01
CA HIS C 172 -2.84 41.50 11.25
C HIS C 172 -3.84 41.49 12.40
N SER C 173 -3.41 41.97 13.57
CA SER C 173 -4.28 42.01 14.74
C SER C 173 -5.55 42.79 14.40
N GLY C 174 -6.70 42.23 14.75
CA GLY C 174 -7.98 42.84 14.45
C GLY C 174 -8.50 42.41 13.09
N VAL C 175 -7.75 41.57 12.41
CA VAL C 175 -8.15 41.07 11.09
C VAL C 175 -8.83 39.71 11.17
N CYS C 176 -9.97 39.58 10.51
CA CYS C 176 -10.73 38.34 10.51
C CYS C 176 -11.26 38.05 9.11
N THR C 177 -10.65 37.09 8.44
CA THR C 177 -10.99 36.79 7.05
C THR C 177 -11.74 35.48 6.88
N ASP C 178 -12.70 35.46 5.95
CA ASP C 178 -13.42 34.23 5.64
C ASP C 178 -12.44 33.13 5.24
N PRO C 179 -12.67 31.91 5.73
CA PRO C 179 -11.79 30.77 5.44
C PRO C 179 -11.71 30.48 3.93
N GLN C 180 -12.86 30.51 3.26
CA GLN C 180 -12.92 30.22 1.83
C GLN C 180 -13.87 31.18 1.13
N PRO C 181 -13.57 31.51 -0.14
CA PRO C 181 -14.46 32.36 -0.95
C PRO C 181 -15.82 31.73 -1.15
N LEU C 182 -16.87 32.54 -1.15
CA LEU C 182 -18.23 32.05 -1.34
C LEU C 182 -18.54 31.92 -2.83
N LYS C 183 -19.45 30.99 -3.15
CA LYS C 183 -19.94 30.87 -4.52
C LYS C 183 -21.10 31.83 -4.75
N GLU C 184 -20.93 32.74 -5.69
CA GLU C 184 -21.99 33.70 -6.02
C GLU C 184 -23.32 32.96 -6.18
N GLN C 185 -23.31 31.95 -7.04
CA GLN C 185 -24.50 31.15 -7.29
C GLN C 185 -24.14 29.67 -7.23
N PRO C 186 -24.45 29.01 -6.10
CA PRO C 186 -24.15 27.59 -5.89
C PRO C 186 -24.61 26.72 -7.04
N ALA C 187 -25.52 27.26 -7.86
CA ALA C 187 -26.06 26.52 -9.00
C ALA C 187 -25.05 26.40 -10.13
N LEU C 188 -24.78 27.51 -10.81
CA LEU C 188 -23.87 27.52 -11.95
C LEU C 188 -22.56 26.79 -11.63
N ASN C 189 -22.14 25.93 -12.55
CA ASN C 189 -20.92 25.15 -12.37
C ASN C 189 -19.69 26.04 -12.18
N ASP C 190 -19.55 27.03 -13.07
CA ASP C 190 -18.42 27.95 -13.00
C ASP C 190 -18.83 29.30 -12.43
N SER C 191 -19.58 29.28 -11.34
CA SER C 191 -20.02 30.49 -10.67
C SER C 191 -18.83 31.33 -10.20
N ARG C 192 -19.06 32.63 -10.01
CA ARG C 192 -18.03 33.52 -9.49
C ARG C 192 -18.03 33.47 -7.96
N TYR C 193 -17.00 34.04 -7.35
CA TYR C 193 -16.82 33.94 -5.91
C TYR C 193 -16.78 35.28 -5.18
N ALA C 194 -17.13 35.25 -3.90
CA ALA C 194 -17.07 36.43 -3.06
C ALA C 194 -16.32 36.12 -1.77
N LEU C 195 -15.46 37.04 -1.35
CA LEU C 195 -14.72 36.89 -0.11
C LEU C 195 -14.80 38.17 0.69
N SER C 196 -15.12 38.06 1.98
CA SER C 196 -15.20 39.23 2.85
C SER C 196 -14.13 39.15 3.93
N SER C 197 -13.63 40.32 4.31
CA SER C 197 -12.68 40.42 5.41
C SER C 197 -13.11 41.54 6.34
N ARG C 198 -12.43 41.68 7.46
CA ARG C 198 -12.79 42.71 8.43
C ARG C 198 -11.60 43.17 9.25
N LEU C 199 -11.44 44.48 9.36
CA LEU C 199 -10.40 45.07 10.19
C LEU C 199 -11.03 45.96 11.26
N ARG C 200 -10.85 45.58 12.52
CA ARG C 200 -11.43 46.33 13.62
C ARG C 200 -10.35 47.15 14.34
N VAL C 201 -10.70 48.37 14.72
CA VAL C 201 -9.77 49.24 15.42
C VAL C 201 -10.51 50.12 16.43
N SER C 202 -9.79 51.00 17.10
CA SER C 202 -10.39 51.91 18.06
C SER C 202 -11.29 52.93 17.36
N ALA C 203 -12.44 53.23 17.97
CA ALA C 203 -13.38 54.18 17.40
C ALA C 203 -12.75 55.56 17.24
N THR C 204 -11.60 55.76 17.88
CA THR C 204 -10.87 57.02 17.77
C THR C 204 -9.87 56.96 16.62
N PHE C 205 -9.45 55.76 16.27
CA PHE C 205 -8.50 55.57 15.18
C PHE C 205 -9.19 55.77 13.82
N TRP C 206 -10.46 55.44 13.76
CA TRP C 206 -11.25 55.60 12.54
C TRP C 206 -11.59 57.06 12.28
N GLN C 207 -12.06 57.75 13.32
CA GLN C 207 -12.42 59.16 13.21
C GLN C 207 -11.24 59.97 12.68
N ASN C 208 -10.04 59.52 13.01
CA ASN C 208 -8.82 60.18 12.54
C ASN C 208 -8.79 60.24 11.01
N PRO C 209 -9.17 61.39 10.45
CA PRO C 209 -9.27 61.62 9.01
C PRO C 209 -7.93 61.46 8.29
N ARG C 210 -6.85 61.40 9.05
CA ARG C 210 -5.51 61.30 8.47
C ARG C 210 -5.12 59.85 8.18
N ASN C 211 -5.58 58.94 9.02
CA ASN C 211 -5.26 57.53 8.86
C ASN C 211 -5.87 56.92 7.59
N HIS C 212 -5.03 56.28 6.79
CA HIS C 212 -5.45 55.68 5.54
C HIS C 212 -5.54 54.16 5.65
N PHE C 213 -6.68 53.61 5.25
CA PHE C 213 -6.91 52.16 5.27
C PHE C 213 -6.99 51.63 3.85
N ARG C 214 -6.47 50.42 3.64
CA ARG C 214 -6.55 49.80 2.33
C ARG C 214 -6.69 48.28 2.40
N CYS C 215 -7.70 47.75 1.70
CA CYS C 215 -7.89 46.31 1.59
C CYS C 215 -7.33 45.84 0.25
N GLN C 216 -6.30 44.99 0.31
CA GLN C 216 -5.63 44.51 -0.88
C GLN C 216 -5.97 43.05 -1.20
N VAL C 217 -6.32 42.80 -2.46
CA VAL C 217 -6.66 41.45 -2.90
C VAL C 217 -5.80 41.01 -4.07
N GLN C 218 -4.80 40.17 -3.80
CA GLN C 218 -4.00 39.58 -4.85
C GLN C 218 -4.81 38.52 -5.59
N PHE C 219 -4.93 38.68 -6.91
CA PHE C 219 -5.70 37.76 -7.73
C PHE C 219 -4.81 36.96 -8.67
N TYR C 220 -5.15 35.69 -8.86
CA TYR C 220 -4.40 34.82 -9.76
C TYR C 220 -5.28 34.37 -10.91
N GLY C 221 -4.88 34.70 -12.13
CA GLY C 221 -5.64 34.35 -13.31
C GLY C 221 -4.75 34.11 -14.52
N LEU C 222 -5.16 34.64 -15.66
CA LEU C 222 -4.43 34.47 -16.91
C LEU C 222 -3.03 35.08 -16.85
N SER C 223 -2.18 34.65 -17.77
CA SER C 223 -0.86 35.24 -17.93
C SER C 223 -0.78 35.87 -19.32
N GLU C 224 0.30 36.59 -19.59
CA GLU C 224 0.48 37.20 -20.90
C GLU C 224 0.54 36.15 -21.99
N ASN C 225 0.83 34.91 -21.60
CA ASN C 225 0.93 33.80 -22.54
C ASN C 225 -0.43 33.33 -23.03
N ASP C 226 -1.48 33.68 -22.28
CA ASP C 226 -2.83 33.25 -22.62
C ASP C 226 -3.46 34.13 -23.68
N GLU C 227 -4.32 33.54 -24.51
CA GLU C 227 -5.02 34.26 -25.55
C GLU C 227 -6.28 34.95 -24.99
N TRP C 228 -6.63 36.09 -25.57
CA TRP C 228 -7.77 36.85 -25.11
C TRP C 228 -8.33 37.76 -26.20
N THR C 229 -9.63 37.63 -26.45
CA THR C 229 -10.28 38.42 -27.50
C THR C 229 -11.65 38.94 -27.06
N GLN C 230 -11.85 39.07 -25.76
CA GLN C 230 -13.09 39.63 -25.23
C GLN C 230 -12.95 41.13 -25.07
N ASP C 231 -14.06 41.86 -25.20
CA ASP C 231 -14.03 43.31 -25.04
C ASP C 231 -13.99 43.71 -23.56
N ARG C 232 -12.86 43.42 -22.93
CA ARG C 232 -12.64 43.77 -21.53
C ARG C 232 -11.19 43.49 -21.18
N ALA C 233 -10.71 44.11 -20.09
CA ALA C 233 -9.33 43.94 -19.67
C ALA C 233 -9.01 42.47 -19.39
N LYS C 234 -7.95 41.97 -20.02
CA LYS C 234 -7.53 40.59 -19.83
C LYS C 234 -7.39 40.29 -18.34
N PRO C 235 -8.21 39.36 -17.83
CA PRO C 235 -8.24 39.02 -16.41
C PRO C 235 -6.95 38.33 -15.96
N VAL C 236 -5.82 39.00 -16.17
CA VAL C 236 -4.52 38.47 -15.78
C VAL C 236 -4.27 38.63 -14.29
N THR C 237 -3.20 38.01 -13.80
CA THR C 237 -2.82 38.14 -12.41
C THR C 237 -2.56 39.60 -12.06
N GLN C 238 -3.10 40.05 -10.94
CA GLN C 238 -3.05 41.47 -10.59
C GLN C 238 -3.48 41.69 -9.15
N ILE C 239 -3.28 42.90 -8.67
CA ILE C 239 -3.76 43.29 -7.34
C ILE C 239 -4.87 44.33 -7.47
N VAL C 240 -6.01 44.06 -6.85
CA VAL C 240 -7.12 44.99 -6.86
C VAL C 240 -7.37 45.49 -5.43
N SER C 241 -7.43 46.80 -5.27
CA SER C 241 -7.56 47.39 -3.94
C SER C 241 -8.71 48.39 -3.82
N ALA C 242 -9.25 48.47 -2.60
CA ALA C 242 -10.19 49.51 -2.23
C ALA C 242 -9.69 50.09 -0.93
N GLU C 243 -10.03 51.35 -0.66
CA GLU C 243 -9.51 52.00 0.54
C GLU C 243 -10.41 53.10 1.08
N ALA C 244 -10.07 53.59 2.27
CA ALA C 244 -10.83 54.65 2.92
C ALA C 244 -9.92 55.43 3.87
N TRP C 245 -10.33 56.65 4.21
CA TRP C 245 -9.56 57.49 5.12
C TRP C 245 -10.27 57.65 6.47
N ILE D 2 14.83 -20.43 -18.11
CA ILE D 2 14.86 -21.78 -18.66
C ILE D 2 16.29 -22.31 -18.70
N GLN D 3 16.53 -23.41 -18.00
CA GLN D 3 17.89 -23.95 -17.93
C GLN D 3 17.93 -25.46 -17.70
N ARG D 4 16.91 -26.00 -17.05
CA ARG D 4 16.90 -27.42 -16.71
C ARG D 4 15.72 -28.20 -17.28
N THR D 5 16.03 -29.16 -18.16
CA THR D 5 15.02 -29.99 -18.78
C THR D 5 14.48 -31.04 -17.82
N PRO D 6 13.19 -31.40 -17.97
CA PRO D 6 12.52 -32.33 -17.06
C PRO D 6 12.85 -33.80 -17.34
N LYS D 7 13.11 -34.55 -16.28
CA LYS D 7 13.26 -36.00 -16.38
C LYS D 7 11.86 -36.60 -16.28
N ILE D 8 11.63 -37.70 -16.99
CA ILE D 8 10.29 -38.28 -17.06
C ILE D 8 10.31 -39.78 -16.84
N GLN D 9 9.53 -40.23 -15.87
CA GLN D 9 9.47 -41.65 -15.52
C GLN D 9 8.03 -42.12 -15.34
N VAL D 10 7.71 -43.25 -15.97
CA VAL D 10 6.36 -43.78 -15.98
C VAL D 10 6.29 -45.15 -15.31
N TYR D 11 5.26 -45.36 -14.50
CA TYR D 11 5.14 -46.61 -13.75
C TYR D 11 3.75 -46.79 -13.15
N SER D 12 3.46 -48.01 -12.72
CA SER D 12 2.18 -48.32 -12.10
C SER D 12 2.32 -48.40 -10.58
N ARG D 13 1.22 -48.18 -9.88
CA ARG D 13 1.21 -48.35 -8.43
C ARG D 13 1.34 -49.83 -8.11
N HIS D 14 0.54 -50.64 -8.79
CA HIS D 14 0.58 -52.09 -8.62
C HIS D 14 1.05 -52.77 -9.90
N PRO D 15 1.37 -54.07 -9.82
CA PRO D 15 1.77 -54.83 -11.01
C PRO D 15 0.66 -54.85 -12.06
N ALA D 16 1.03 -54.66 -13.32
CA ALA D 16 0.06 -54.56 -14.40
C ALA D 16 -0.74 -55.84 -14.60
N GLU D 17 -2.05 -55.74 -14.44
CA GLU D 17 -2.95 -56.87 -14.66
C GLU D 17 -4.12 -56.45 -15.54
N ASN D 18 -4.18 -57.02 -16.74
CA ASN D 18 -5.24 -56.69 -17.69
C ASN D 18 -6.63 -56.78 -17.07
N GLY D 19 -7.44 -55.76 -17.28
CA GLY D 19 -8.81 -55.73 -16.77
C GLY D 19 -8.89 -55.46 -15.28
N LYS D 20 -7.74 -55.20 -14.66
CA LYS D 20 -7.69 -54.95 -13.22
C LYS D 20 -7.31 -53.50 -12.91
N SER D 21 -8.12 -52.85 -12.08
CA SER D 21 -7.92 -51.45 -11.74
C SER D 21 -6.51 -51.19 -11.19
N ASN D 22 -6.00 -49.99 -11.44
CA ASN D 22 -4.65 -49.64 -11.05
C ASN D 22 -4.44 -48.13 -11.11
N PHE D 23 -3.25 -47.68 -10.70
CA PHE D 23 -2.89 -46.27 -10.82
C PHE D 23 -1.70 -46.09 -11.75
N LEU D 24 -1.86 -45.20 -12.73
CA LEU D 24 -0.76 -44.85 -13.63
C LEU D 24 -0.04 -43.62 -13.11
N ASN D 25 1.28 -43.70 -13.03
CA ASN D 25 2.08 -42.60 -12.49
C ASN D 25 3.05 -42.02 -13.51
N CYS D 26 3.20 -40.70 -13.49
CA CYS D 26 4.23 -40.03 -14.27
C CYS D 26 4.96 -39.02 -13.41
N TYR D 27 6.23 -39.31 -13.12
CA TYR D 27 7.02 -38.46 -12.24
C TYR D 27 7.96 -37.56 -13.06
N VAL D 28 7.73 -36.26 -12.99
CA VAL D 28 8.53 -35.29 -13.73
C VAL D 28 9.38 -34.46 -12.78
N SER D 29 10.69 -34.58 -12.90
CA SER D 29 11.61 -33.93 -11.96
C SER D 29 12.80 -33.25 -12.63
N GLY D 30 13.52 -32.45 -11.86
CA GLY D 30 14.75 -31.83 -12.31
C GLY D 30 14.60 -30.69 -13.30
N PHE D 31 13.41 -30.11 -13.39
CA PHE D 31 13.16 -29.06 -14.37
C PHE D 31 13.10 -27.65 -13.78
N HIS D 32 13.15 -26.65 -14.66
CA HIS D 32 13.15 -25.25 -14.27
C HIS D 32 13.09 -24.40 -15.53
N PRO D 33 12.23 -23.37 -15.54
CA PRO D 33 11.38 -22.95 -14.43
C PRO D 33 10.20 -23.88 -14.17
N SER D 34 9.32 -23.47 -13.27
CA SER D 34 8.25 -24.34 -12.77
C SER D 34 7.16 -24.64 -13.79
N ASP D 35 6.93 -23.72 -14.73
CA ASP D 35 5.87 -23.90 -15.73
C ASP D 35 6.07 -25.14 -16.58
N ILE D 36 5.12 -26.06 -16.51
CA ILE D 36 5.20 -27.31 -17.27
C ILE D 36 3.82 -27.88 -17.60
N GLU D 37 3.73 -28.59 -18.72
CA GLU D 37 2.48 -29.18 -19.15
C GLU D 37 2.59 -30.70 -19.21
N VAL D 38 1.76 -31.40 -18.45
CA VAL D 38 1.82 -32.84 -18.35
C VAL D 38 0.49 -33.51 -18.67
N ASP D 39 0.51 -34.43 -19.63
CA ASP D 39 -0.70 -35.18 -19.98
C ASP D 39 -0.47 -36.68 -19.92
N LEU D 40 -1.43 -37.40 -19.35
CA LEU D 40 -1.42 -38.85 -19.39
C LEU D 40 -2.25 -39.33 -20.57
N LEU D 41 -1.62 -40.07 -21.48
CA LEU D 41 -2.26 -40.45 -22.73
C LEU D 41 -2.75 -41.89 -22.73
N LYS D 42 -3.91 -42.10 -23.35
CA LYS D 42 -4.41 -43.44 -23.62
C LYS D 42 -4.61 -43.60 -25.12
N ASN D 43 -3.72 -44.34 -25.77
CA ASN D 43 -3.77 -44.52 -27.21
C ASN D 43 -3.64 -43.19 -27.94
N GLY D 44 -2.84 -42.28 -27.39
CA GLY D 44 -2.57 -41.01 -28.02
C GLY D 44 -3.51 -39.89 -27.61
N GLU D 45 -4.58 -40.25 -26.90
CA GLU D 45 -5.56 -39.27 -26.47
C GLU D 45 -5.46 -38.96 -24.97
N ARG D 46 -5.43 -37.68 -24.64
CA ARG D 46 -5.25 -37.23 -23.27
C ARG D 46 -6.33 -37.75 -22.32
N ILE D 47 -5.91 -38.11 -21.11
CA ILE D 47 -6.84 -38.56 -20.07
C ILE D 47 -7.32 -37.37 -19.25
N GLU D 48 -8.60 -37.40 -18.86
CA GLU D 48 -9.24 -36.25 -18.22
C GLU D 48 -8.90 -36.08 -16.74
N LYS D 49 -9.75 -36.63 -15.88
CA LYS D 49 -9.62 -36.44 -14.44
C LYS D 49 -8.27 -36.89 -13.89
N VAL D 50 -7.21 -36.26 -14.34
CA VAL D 50 -5.86 -36.59 -13.89
C VAL D 50 -5.44 -35.71 -12.72
N GLU D 51 -4.98 -36.35 -11.64
CA GLU D 51 -4.54 -35.64 -10.45
C GLU D 51 -3.03 -35.42 -10.48
N HIS D 52 -2.55 -34.57 -9.58
CA HIS D 52 -1.12 -34.40 -9.38
C HIS D 52 -0.85 -33.87 -7.98
N SER D 53 0.37 -34.07 -7.49
CA SER D 53 0.74 -33.63 -6.16
C SER D 53 1.03 -32.14 -6.16
N ASP D 54 1.28 -31.59 -4.97
CA ASP D 54 1.66 -30.19 -4.85
C ASP D 54 3.05 -29.97 -5.44
N LEU D 55 3.16 -29.02 -6.35
CA LEU D 55 4.45 -28.69 -6.94
C LEU D 55 5.48 -28.51 -5.84
N SER D 56 6.65 -29.12 -6.02
CA SER D 56 7.71 -29.05 -5.01
C SER D 56 9.06 -28.94 -5.69
N PHE D 57 10.11 -28.79 -4.88
CA PHE D 57 11.47 -28.73 -5.42
C PHE D 57 12.51 -29.32 -4.49
N SER D 58 13.65 -29.70 -5.06
CA SER D 58 14.73 -30.34 -4.31
C SER D 58 15.73 -29.32 -3.78
N LYS D 59 16.77 -29.82 -3.12
CA LYS D 59 17.82 -28.97 -2.56
C LYS D 59 18.48 -28.10 -3.63
N ASP D 60 18.49 -28.59 -4.86
CA ASP D 60 19.11 -27.86 -5.97
C ASP D 60 18.10 -26.94 -6.65
N TRP D 61 16.98 -26.70 -5.99
CA TRP D 61 15.96 -25.75 -6.47
C TRP D 61 15.15 -26.26 -7.65
N SER D 62 15.61 -27.35 -8.28
CA SER D 62 14.88 -27.90 -9.42
C SER D 62 13.54 -28.49 -8.96
N PHE D 63 12.53 -28.38 -9.83
CA PHE D 63 11.17 -28.81 -9.48
C PHE D 63 10.90 -30.27 -9.79
N TYR D 64 9.93 -30.84 -9.09
CA TYR D 64 9.47 -32.19 -9.36
C TYR D 64 7.99 -32.32 -9.04
N LEU D 65 7.31 -33.26 -9.71
CA LEU D 65 5.87 -33.39 -9.57
C LEU D 65 5.42 -34.78 -9.96
N LEU D 66 4.31 -35.22 -9.38
CA LEU D 66 3.74 -36.52 -9.70
C LEU D 66 2.34 -36.39 -10.28
N TYR D 67 2.17 -36.83 -11.52
CA TYR D 67 0.86 -36.91 -12.13
C TYR D 67 0.39 -38.35 -12.12
N TYR D 68 -0.87 -38.57 -11.75
CA TYR D 68 -1.39 -39.91 -11.61
C TYR D 68 -2.88 -39.96 -11.92
N THR D 69 -3.35 -41.13 -12.33
CA THR D 69 -4.76 -41.34 -12.62
C THR D 69 -5.02 -42.84 -12.60
N GLU D 70 -6.22 -43.23 -12.16
CA GLU D 70 -6.57 -44.64 -12.12
C GLU D 70 -6.91 -45.12 -13.53
N PHE D 71 -6.33 -46.24 -13.93
CA PHE D 71 -6.58 -46.81 -15.23
C PHE D 71 -6.71 -48.32 -15.15
N THR D 72 -7.41 -48.90 -16.14
CA THR D 72 -7.54 -50.34 -16.22
C THR D 72 -6.80 -50.86 -17.45
N PRO D 73 -5.55 -51.28 -17.27
CA PRO D 73 -4.71 -51.77 -18.37
C PRO D 73 -5.33 -52.95 -19.12
N THR D 74 -4.97 -53.08 -20.39
CA THR D 74 -5.40 -54.20 -21.21
C THR D 74 -4.32 -54.50 -22.24
N GLU D 75 -4.45 -55.62 -22.94
CA GLU D 75 -3.46 -56.03 -23.93
C GLU D 75 -3.21 -54.95 -24.98
N LYS D 76 -4.29 -54.40 -25.51
CA LYS D 76 -4.21 -53.47 -26.64
C LYS D 76 -3.84 -52.03 -26.22
N ASP D 77 -4.64 -51.46 -25.33
CA ASP D 77 -4.46 -50.06 -24.93
C ASP D 77 -3.03 -49.71 -24.58
N GLU D 78 -2.57 -48.56 -25.07
CA GLU D 78 -1.23 -48.08 -24.78
C GLU D 78 -1.25 -46.74 -24.04
N TYR D 79 -0.50 -46.67 -22.94
CA TYR D 79 -0.47 -45.47 -22.12
C TYR D 79 0.91 -44.83 -22.13
N ALA D 80 0.92 -43.51 -22.04
CA ALA D 80 2.17 -42.75 -22.08
C ALA D 80 2.05 -41.39 -21.42
N CYS D 81 3.18 -40.79 -21.09
CA CYS D 81 3.20 -39.47 -20.48
C CYS D 81 3.75 -38.45 -21.47
N ARG D 82 3.01 -37.37 -21.67
CA ARG D 82 3.43 -36.31 -22.58
C ARG D 82 3.77 -35.03 -21.81
N VAL D 83 5.01 -34.60 -21.93
CA VAL D 83 5.47 -33.43 -21.17
C VAL D 83 5.84 -32.27 -22.09
N ASN D 84 5.32 -31.09 -21.75
CA ASN D 84 5.66 -29.88 -22.47
C ASN D 84 6.37 -28.88 -21.56
N HIS D 85 7.54 -28.42 -21.98
CA HIS D 85 8.35 -27.52 -21.17
C HIS D 85 9.18 -26.61 -22.07
N VAL D 86 9.43 -25.40 -21.60
CA VAL D 86 10.18 -24.42 -22.38
C VAL D 86 11.51 -24.98 -22.86
N THR D 87 12.06 -25.92 -22.09
CA THR D 87 13.37 -26.48 -22.37
C THR D 87 13.36 -27.44 -23.56
N LEU D 88 12.20 -27.64 -24.17
CA LEU D 88 12.07 -28.56 -25.29
C LEU D 88 11.22 -28.00 -26.42
N SER D 89 11.70 -28.20 -27.65
CA SER D 89 11.01 -27.70 -28.84
C SER D 89 9.73 -28.47 -29.11
N GLN D 90 9.78 -29.78 -28.86
CA GLN D 90 8.60 -30.63 -29.02
C GLN D 90 8.22 -31.24 -27.68
N PRO D 91 6.91 -31.44 -27.46
CA PRO D 91 6.45 -32.15 -26.26
C PRO D 91 6.97 -33.57 -26.28
N LYS D 92 7.68 -33.96 -25.23
CA LYS D 92 8.27 -35.30 -25.14
C LYS D 92 7.24 -36.28 -24.60
N ILE D 93 7.13 -37.44 -25.24
CA ILE D 93 6.21 -38.47 -24.77
C ILE D 93 6.96 -39.74 -24.39
N VAL D 94 6.77 -40.20 -23.16
CA VAL D 94 7.38 -41.42 -22.67
C VAL D 94 6.32 -42.50 -22.46
N LYS D 95 6.46 -43.60 -23.20
CA LYS D 95 5.49 -44.69 -23.14
C LYS D 95 5.57 -45.46 -21.83
N TRP D 96 4.43 -45.92 -21.34
CA TRP D 96 4.41 -46.81 -20.19
C TRP D 96 4.67 -48.23 -20.66
N ASP D 97 5.85 -48.74 -20.33
CA ASP D 97 6.22 -50.11 -20.68
C ASP D 97 6.04 -51.00 -19.45
N ARG D 98 4.90 -51.67 -19.36
CA ARG D 98 4.59 -52.53 -18.23
C ARG D 98 5.72 -53.51 -17.93
N ASP D 99 6.28 -54.11 -18.99
CA ASP D 99 7.42 -54.99 -18.85
C ASP D 99 8.72 -54.20 -18.83
N MET D 100 8.73 -53.12 -18.07
CA MET D 100 9.91 -52.26 -17.98
C MET D 100 10.03 -51.59 -16.61
#